data_4QJW
#
_entry.id   4QJW
#
_cell.length_a   46.501
_cell.length_b   66.762
_cell.length_c   80.466
_cell.angle_alpha   81.57
_cell.angle_beta   84.21
_cell.angle_gamma   86.66
#
_symmetry.space_group_name_H-M   'P 1'
#
loop_
_entity.id
_entity.type
_entity.pdbx_description
1 polymer 'Carbonic anhydrase 12'
2 non-polymer 'ZINC ION'
3 non-polymer 3-(benzylamino)-2,5,6-trifluoro-4-[(2-hydroxyethyl)sulfonyl]benzenesulfonamide
4 non-polymer 1,2-ETHANEDIOL
5 water water
#
_entity_poly.entity_id   1
_entity_poly.type   'polypeptide(L)'
_entity_poly.pdbx_seq_one_letter_code
;MSKWTYFGPDGENSWSKKYPSCGGLLQSPIDLHSDILQYDASLTPLEFQGYNLSANKQFLLTNNGHSVKLNLPSDMHIQG
LQSRYSATQLHLHWGNPNDPHGSEHTVSGQHFAAELHIVHYNSDLYPDASTASNKSEGLAVLAVLIEMGSFNPSYDKIFS
HLQHVKYKGQEAFVPGFNIEELLPERTAEYYRYRGSLTTPPCNPTVLWTVFRNPVQISQEQLLALETALYCTHMDDPSPR
EMINNFRQVQKFDERLVYTSFSQ
;
_entity_poly.pdbx_strand_id   A,B,C,D
#
loop_
_chem_comp.id
_chem_comp.type
_chem_comp.name
_chem_comp.formula
EDO non-polymer 1,2-ETHANEDIOL 'C2 H6 O2'
WWO non-polymer 3-(benzylamino)-2,5,6-trifluoro-4-[(2-hydroxyethyl)sulfonyl]benzenesulfonamide 'C15 H15 F3 N2 O5 S2'
ZN non-polymer 'ZINC ION' 'Zn 2'
#
# COMPACT_ATOMS: atom_id res chain seq x y z
N LYS A 3 -15.11 16.76 -9.39
CA LYS A 3 -13.77 17.46 -9.35
C LYS A 3 -12.82 16.60 -10.21
N TRP A 4 -11.88 17.23 -10.87
CA TRP A 4 -10.89 16.46 -11.59
C TRP A 4 -9.52 17.14 -11.52
N THR A 5 -8.46 16.36 -11.65
CA THR A 5 -7.10 16.90 -11.53
C THR A 5 -6.19 16.16 -12.52
N TYR A 6 -4.91 16.55 -12.55
CA TYR A 6 -3.90 15.73 -13.26
C TYR A 6 -3.01 14.84 -12.42
N PHE A 7 -3.35 14.67 -11.14
CA PHE A 7 -2.43 13.98 -10.23
C PHE A 7 -3.25 13.48 -9.05
N GLY A 8 -3.01 12.20 -8.73
CA GLY A 8 -3.70 11.55 -7.61
C GLY A 8 -5.02 10.92 -7.95
N PRO A 9 -5.88 10.71 -6.91
CA PRO A 9 -7.09 9.89 -7.14
C PRO A 9 -8.02 10.48 -8.14
N ASP A 10 -8.01 11.79 -8.37
CA ASP A 10 -8.93 12.38 -9.35
C ASP A 10 -8.20 12.71 -10.70
N GLY A 11 -7.01 12.10 -10.88
CA GLY A 11 -6.16 12.33 -12.12
C GLY A 11 -6.76 11.49 -13.28
N GLU A 12 -6.02 11.52 -14.38
CA GLU A 12 -6.65 11.18 -15.69
C GLU A 12 -7.14 9.76 -15.87
N ASN A 13 -6.59 8.76 -15.18
CA ASN A 13 -7.12 7.40 -15.31
C ASN A 13 -8.49 7.25 -14.64
N SER A 14 -8.86 8.23 -13.80
CA SER A 14 -10.17 8.22 -13.06
C SER A 14 -11.18 9.19 -13.71
N TRP A 15 -10.79 10.02 -14.68
CA TRP A 15 -11.77 10.94 -15.32
C TRP A 15 -13.00 10.22 -15.86
N SER A 16 -12.84 9.03 -16.45
CA SER A 16 -13.98 8.32 -17.03
C SER A 16 -15.07 8.02 -15.98
N LYS A 17 -14.73 7.99 -14.70
CA LYS A 17 -15.75 7.77 -13.69
C LYS A 17 -16.79 8.88 -13.65
N LYS A 18 -16.33 10.10 -13.58
N LYS A 18 -16.39 10.13 -13.57
CA LYS A 18 -17.26 11.19 -13.60
CA LYS A 18 -17.41 11.23 -13.65
C LYS A 18 -17.70 11.63 -14.99
C LYS A 18 -17.68 11.77 -15.04
N TYR A 19 -16.85 11.40 -15.97
CA TYR A 19 -17.01 11.96 -17.31
C TYR A 19 -16.85 10.82 -18.28
N PRO A 20 -17.95 10.19 -18.65
CA PRO A 20 -17.87 8.92 -19.36
C PRO A 20 -17.16 9.05 -20.71
N SER A 21 -17.26 10.22 -21.33
CA SER A 21 -16.62 10.34 -22.65
C SER A 21 -15.12 10.22 -22.57
N CYS A 22 -14.52 10.42 -21.38
CA CYS A 22 -13.07 10.30 -21.22
C CYS A 22 -12.60 8.86 -21.46
N GLY A 23 -13.55 7.93 -21.40
CA GLY A 23 -13.29 6.53 -21.66
C GLY A 23 -13.87 6.07 -23.01
N GLY A 24 -14.33 7.00 -23.82
CA GLY A 24 -14.95 6.69 -25.08
C GLY A 24 -14.01 6.78 -26.23
N LEU A 25 -14.57 6.99 -27.42
CA LEU A 25 -13.78 6.95 -28.61
C LEU A 25 -13.24 8.34 -28.90
N LEU A 26 -12.34 8.34 -29.90
CA LEU A 26 -11.83 9.57 -30.53
C LEU A 26 -11.09 10.45 -29.50
N GLN A 27 -10.44 9.84 -28.51
CA GLN A 27 -9.76 10.68 -27.49
C GLN A 27 -8.43 11.27 -27.98
N SER A 28 -8.18 12.50 -27.49
CA SER A 28 -6.95 13.24 -27.72
C SER A 28 -6.28 13.45 -26.32
N PRO A 29 -5.01 13.80 -26.30
CA PRO A 29 -4.13 13.99 -27.46
C PRO A 29 -3.48 12.71 -27.95
N ILE A 30 -2.66 12.80 -29.01
CA ILE A 30 -2.07 11.55 -29.60
C ILE A 30 -0.64 11.83 -29.95
N ASP A 31 0.15 10.73 -30.16
CA ASP A 31 1.44 10.84 -30.70
C ASP A 31 1.36 10.85 -32.21
N LEU A 32 2.02 11.88 -32.76
CA LEU A 32 1.97 12.07 -34.20
C LEU A 32 3.20 11.43 -34.81
N HIS A 33 3.04 10.27 -35.44
CA HIS A 33 4.24 9.52 -35.92
C HIS A 33 3.94 8.90 -37.30
N SER A 34 4.98 8.54 -38.08
CA SER A 34 4.80 8.25 -39.52
C SER A 34 3.77 7.20 -39.81
N ASP A 35 3.79 6.10 -39.02
CA ASP A 35 2.80 5.04 -39.22
C ASP A 35 1.36 5.44 -39.37
N ILE A 36 0.99 6.59 -38.78
CA ILE A 36 -0.37 6.96 -38.74
C ILE A 36 -0.60 8.30 -39.43
N LEU A 37 0.41 8.74 -40.14
CA LEU A 37 0.32 10.00 -40.96
C LEU A 37 0.04 9.77 -42.42
N GLN A 38 -0.79 10.61 -43.03
CA GLN A 38 -0.96 10.52 -44.48
C GLN A 38 -1.13 11.92 -45.06
N TYR A 39 -0.31 12.25 -46.08
CA TYR A 39 -0.48 13.56 -46.71
C TYR A 39 -1.84 13.67 -47.42
N ASP A 40 -2.50 14.83 -47.22
CA ASP A 40 -3.79 15.08 -47.85
C ASP A 40 -3.68 16.44 -48.50
N ALA A 41 -3.48 16.44 -49.84
CA ALA A 41 -3.33 17.67 -50.65
C ALA A 41 -4.54 18.62 -50.61
N SER A 42 -5.70 18.13 -50.20
N SER A 42 -5.71 18.11 -50.21
CA SER A 42 -6.89 19.01 -50.12
CA SER A 42 -6.90 18.97 -50.10
C SER A 42 -6.95 19.81 -48.80
C SER A 42 -6.78 19.98 -48.95
N LEU A 43 -5.91 19.70 -47.99
CA LEU A 43 -5.84 20.50 -46.71
C LEU A 43 -5.22 21.85 -47.02
N THR A 44 -6.08 22.85 -47.10
CA THR A 44 -5.79 24.23 -47.43
C THR A 44 -5.43 25.07 -46.21
N PRO A 45 -4.76 26.22 -46.47
CA PRO A 45 -4.37 27.07 -45.34
C PRO A 45 -5.62 27.62 -44.65
N LEU A 46 -5.66 27.58 -43.33
CA LEU A 46 -6.73 28.27 -42.64
C LEU A 46 -6.50 29.78 -42.77
N GLU A 47 -7.57 30.55 -42.69
CA GLU A 47 -7.40 32.03 -42.59
C GLU A 47 -7.82 32.40 -41.19
N PHE A 48 -7.03 33.25 -40.56
CA PHE A 48 -7.29 33.69 -39.21
C PHE A 48 -7.80 35.13 -39.32
N GLN A 49 -9.10 35.26 -39.11
CA GLN A 49 -9.79 36.54 -39.29
C GLN A 49 -10.15 37.09 -37.93
N GLY A 50 -9.93 38.40 -37.76
CA GLY A 50 -10.26 39.00 -36.46
C GLY A 50 -9.25 38.73 -35.35
N TYR A 51 -8.11 38.12 -35.70
CA TYR A 51 -7.11 37.75 -34.70
C TYR A 51 -6.31 38.96 -34.13
N ASN A 52 -6.32 40.05 -34.89
CA ASN A 52 -5.63 41.27 -34.51
C ASN A 52 -6.53 42.01 -33.57
N LEU A 53 -6.51 41.59 -32.30
CA LEU A 53 -7.49 42.07 -31.36
C LEU A 53 -7.20 43.53 -31.02
N SER A 54 -8.29 44.27 -30.90
CA SER A 54 -8.20 45.68 -30.56
C SER A 54 -7.33 45.97 -29.35
N ALA A 55 -6.25 46.70 -29.55
CA ALA A 55 -5.44 47.17 -28.43
C ALA A 55 -6.22 48.07 -27.45
N ASN A 56 -7.35 48.62 -27.90
CA ASN A 56 -8.25 49.36 -27.00
C ASN A 56 -9.26 48.59 -26.22
N LYS A 57 -9.23 47.26 -26.39
CA LYS A 57 -10.14 46.32 -25.72
C LYS A 57 -9.24 45.52 -24.76
N GLN A 58 -9.83 44.99 -23.72
CA GLN A 58 -9.14 44.13 -22.76
C GLN A 58 -9.87 42.81 -22.74
N PHE A 59 -9.12 41.71 -22.46
CA PHE A 59 -9.64 40.35 -22.53
C PHE A 59 -9.33 39.70 -21.24
N LEU A 60 -10.26 38.95 -20.72
CA LEU A 60 -10.15 38.41 -19.41
C LEU A 60 -9.21 37.18 -19.33
N LEU A 61 -8.17 37.22 -18.49
CA LEU A 61 -7.34 36.06 -18.23
C LEU A 61 -7.77 35.46 -16.89
N THR A 62 -7.95 34.13 -16.79
CA THR A 62 -8.47 33.55 -15.56
C THR A 62 -7.67 32.31 -15.24
N ASN A 63 -7.28 32.18 -13.97
CA ASN A 63 -6.78 30.90 -13.45
C ASN A 63 -8.03 30.11 -13.07
N ASN A 64 -8.34 29.02 -13.75
CA ASN A 64 -9.53 28.29 -13.43
C ASN A 64 -9.29 27.02 -12.57
N GLY A 65 -8.08 26.92 -12.02
CA GLY A 65 -7.69 25.82 -11.18
C GLY A 65 -7.20 24.64 -11.98
N HIS A 66 -7.34 24.69 -13.32
CA HIS A 66 -6.82 23.66 -14.24
C HIS A 66 -5.80 24.15 -15.25
N SER A 67 -5.92 25.42 -15.64
CA SER A 67 -4.97 26.05 -16.62
C SER A 67 -5.15 27.57 -16.44
N VAL A 68 -4.50 28.33 -17.29
CA VAL A 68 -4.74 29.76 -17.35
C VAL A 68 -5.40 29.96 -18.69
N LYS A 69 -6.53 30.66 -18.68
CA LYS A 69 -7.31 30.82 -19.86
C LYS A 69 -7.54 32.29 -20.21
N LEU A 70 -7.45 32.59 -21.48
CA LEU A 70 -7.74 33.95 -21.96
C LEU A 70 -9.01 33.87 -22.74
N ASN A 71 -10.01 34.68 -22.34
CA ASN A 71 -11.23 34.72 -23.17
C ASN A 71 -10.98 35.43 -24.53
N LEU A 72 -11.63 34.95 -25.56
CA LEU A 72 -11.45 35.54 -26.90
C LEU A 72 -12.82 35.86 -27.44
N PRO A 73 -12.88 36.87 -28.30
CA PRO A 73 -14.17 37.33 -28.74
C PRO A 73 -14.69 36.56 -29.97
N SER A 74 -16.02 36.53 -30.18
CA SER A 74 -16.55 35.65 -31.21
C SER A 74 -16.37 36.25 -32.60
N ASP A 75 -15.93 37.52 -32.64
CA ASP A 75 -15.61 38.01 -33.96
C ASP A 75 -14.28 37.50 -34.52
N MET A 76 -13.52 36.77 -33.69
CA MET A 76 -12.29 36.13 -34.11
C MET A 76 -12.74 34.75 -34.67
N HIS A 77 -12.33 34.42 -35.88
CA HIS A 77 -12.66 33.11 -36.41
C HIS A 77 -11.69 32.55 -37.37
N ILE A 78 -11.86 31.24 -37.59
CA ILE A 78 -11.19 30.50 -38.61
C ILE A 78 -12.11 30.31 -39.81
N GLN A 79 -11.58 30.58 -40.99
CA GLN A 79 -12.19 30.33 -42.27
C GLN A 79 -11.37 29.29 -43.01
N GLY A 80 -12.05 28.51 -43.83
CA GLY A 80 -11.39 27.39 -44.48
C GLY A 80 -12.04 26.06 -44.26
N LEU A 81 -12.67 25.84 -43.10
CA LEU A 81 -13.43 24.60 -42.84
C LEU A 81 -14.85 24.62 -43.47
N GLN A 82 -15.61 23.52 -43.38
CA GLN A 82 -16.99 23.49 -43.92
C GLN A 82 -17.91 24.55 -43.29
N SER A 83 -17.72 24.76 -41.96
CA SER A 83 -18.42 25.83 -41.24
C SER A 83 -17.39 26.84 -40.78
N ARG A 84 -17.82 28.09 -40.58
CA ARG A 84 -17.04 29.06 -39.75
C ARG A 84 -16.96 28.59 -38.31
N TYR A 85 -15.74 28.63 -37.72
CA TYR A 85 -15.62 28.37 -36.31
C TYR A 85 -15.15 29.66 -35.62
N SER A 86 -15.82 30.05 -34.58
CA SER A 86 -15.47 31.32 -33.92
C SER A 86 -14.73 31.05 -32.63
N ALA A 87 -13.81 31.95 -32.28
CA ALA A 87 -13.01 31.76 -31.06
C ALA A 87 -13.82 31.84 -29.79
N THR A 88 -13.39 31.12 -28.76
CA THR A 88 -13.95 31.20 -27.44
C THR A 88 -12.90 31.46 -26.35
N GLN A 89 -11.72 30.77 -26.42
CA GLN A 89 -10.75 31.06 -25.41
C GLN A 89 -9.45 30.37 -25.89
N LEU A 90 -8.35 30.74 -25.25
CA LEU A 90 -7.10 29.94 -25.50
C LEU A 90 -6.56 29.64 -24.13
N HIS A 91 -5.67 28.62 -24.05
CA HIS A 91 -5.11 28.23 -22.72
C HIS A 91 -3.90 27.38 -23.03
N LEU A 92 -3.13 27.04 -21.98
CA LEU A 92 -1.85 26.30 -22.17
C LEU A 92 -1.83 25.06 -21.29
N HIS A 93 -0.94 24.19 -21.67
CA HIS A 93 -0.60 22.95 -20.92
C HIS A 93 0.92 22.90 -20.80
N TRP A 94 1.41 22.52 -19.63
CA TRP A 94 2.86 22.48 -19.42
C TRP A 94 3.21 21.37 -18.41
N GLY A 95 4.52 21.23 -18.20
CA GLY A 95 5.04 20.16 -17.34
C GLY A 95 5.49 20.79 -15.98
N ASN A 96 6.77 20.61 -15.62
CA ASN A 96 7.28 21.14 -14.39
C ASN A 96 8.79 21.34 -14.52
N PRO A 97 9.40 22.07 -13.59
CA PRO A 97 10.83 22.44 -13.75
C PRO A 97 11.77 21.26 -13.74
N ASN A 98 11.46 20.18 -13.07
CA ASN A 98 12.31 18.99 -13.08
C ASN A 98 12.18 18.16 -14.36
N ASP A 99 11.07 18.30 -15.09
CA ASP A 99 10.85 17.58 -16.36
C ASP A 99 9.98 18.55 -17.20
N PRO A 100 10.66 19.44 -17.93
CA PRO A 100 9.89 20.53 -18.53
C PRO A 100 9.38 20.14 -19.95
N HIS A 101 8.56 19.11 -19.95
CA HIS A 101 8.01 18.52 -21.16
C HIS A 101 6.58 18.22 -21.03
N GLY A 102 5.74 19.24 -21.16
CA GLY A 102 4.34 19.14 -20.84
C GLY A 102 3.45 19.47 -22.06
N SER A 103 3.94 19.32 -23.29
CA SER A 103 2.91 19.33 -24.41
C SER A 103 1.92 18.17 -24.27
N GLU A 104 0.78 18.28 -24.97
CA GLU A 104 -0.23 17.20 -24.98
C GLU A 104 0.07 16.31 -26.15
N HIS A 105 0.11 16.90 -27.34
CA HIS A 105 0.53 16.11 -28.53
C HIS A 105 2.03 15.92 -28.51
N THR A 106 2.45 14.74 -29.03
CA THR A 106 3.88 14.47 -29.16
C THR A 106 4.12 14.24 -30.67
N VAL A 107 5.35 14.43 -31.04
CA VAL A 107 5.74 14.19 -32.46
C VAL A 107 6.86 13.15 -32.43
N SER A 108 6.63 12.02 -33.07
CA SER A 108 7.62 10.90 -33.03
C SER A 108 8.10 10.65 -31.64
N GLY A 109 7.13 10.57 -30.71
CA GLY A 109 7.37 10.24 -29.33
C GLY A 109 7.89 11.37 -28.44
N GLN A 110 8.22 12.51 -29.04
CA GLN A 110 8.94 13.68 -28.41
C GLN A 110 7.87 14.59 -27.81
N HIS A 111 7.97 14.86 -26.54
CA HIS A 111 7.13 15.85 -25.90
C HIS A 111 7.81 17.19 -26.02
N PHE A 112 7.08 18.24 -26.39
CA PHE A 112 7.59 19.55 -26.36
C PHE A 112 7.36 20.13 -24.97
N ALA A 113 7.90 21.33 -24.78
CA ALA A 113 7.90 21.98 -23.42
C ALA A 113 6.49 22.28 -22.93
N ALA A 114 5.65 22.74 -23.87
CA ALA A 114 4.30 23.15 -23.51
C ALA A 114 3.47 23.15 -24.80
N GLU A 115 2.19 23.57 -24.65
CA GLU A 115 1.31 23.55 -25.84
C GLU A 115 0.25 24.62 -25.65
N LEU A 116 -0.04 25.36 -26.68
CA LEU A 116 -1.10 26.41 -26.63
C LEU A 116 -2.29 25.85 -27.41
N HIS A 117 -3.49 26.02 -26.86
CA HIS A 117 -4.71 25.60 -27.59
C HIS A 117 -5.60 26.83 -27.76
N ILE A 118 -6.03 27.07 -29.00
CA ILE A 118 -7.00 28.19 -29.28
C ILE A 118 -8.29 27.55 -29.69
N VAL A 119 -9.29 27.65 -28.81
CA VAL A 119 -10.51 26.83 -28.96
C VAL A 119 -11.54 27.68 -29.67
N HIS A 120 -12.19 27.04 -30.63
CA HIS A 120 -13.22 27.65 -31.46
C HIS A 120 -14.42 26.72 -31.50
N TYR A 121 -15.60 27.30 -31.80
CA TYR A 121 -16.83 26.52 -31.93
C TYR A 121 -17.51 26.85 -33.24
N ASN A 122 -18.35 25.91 -33.68
CA ASN A 122 -19.03 26.04 -34.94
C ASN A 122 -20.19 26.99 -34.76
N SER A 123 -19.95 28.23 -35.17
CA SER A 123 -20.92 29.30 -34.92
C SER A 123 -21.97 29.31 -36.03
N ASP A 124 -21.67 28.65 -37.14
CA ASP A 124 -22.72 28.48 -38.18
C ASP A 124 -23.88 27.61 -37.67
N LEU A 125 -23.56 26.55 -36.93
CA LEU A 125 -24.57 25.60 -36.52
C LEU A 125 -25.09 25.82 -35.12
N TYR A 126 -24.29 26.44 -34.25
CA TYR A 126 -24.61 26.50 -32.85
C TYR A 126 -24.47 27.89 -32.25
N PRO A 127 -25.25 28.18 -31.21
CA PRO A 127 -25.26 29.56 -30.72
C PRO A 127 -24.06 29.99 -29.88
N ASP A 128 -23.31 29.04 -29.31
CA ASP A 128 -22.18 29.39 -28.44
C ASP A 128 -21.37 28.11 -28.15
N ALA A 129 -20.21 28.25 -27.49
CA ALA A 129 -19.29 27.13 -27.36
C ALA A 129 -19.88 26.03 -26.51
N SER A 130 -20.58 26.40 -25.42
CA SER A 130 -21.03 25.38 -24.49
C SER A 130 -22.05 24.49 -25.16
N THR A 131 -23.01 25.05 -25.91
CA THR A 131 -23.92 24.17 -26.66
C THR A 131 -23.27 23.44 -27.86
N ALA A 132 -22.25 24.04 -28.48
CA ALA A 132 -21.56 23.34 -29.56
C ALA A 132 -20.72 22.12 -29.05
N SER A 133 -20.34 22.13 -27.79
CA SER A 133 -19.27 21.22 -27.34
C SER A 133 -19.67 19.75 -27.29
N ASN A 134 -20.96 19.48 -27.16
CA ASN A 134 -21.33 18.07 -27.14
C ASN A 134 -22.05 17.73 -28.40
N LYS A 135 -21.84 18.54 -29.41
CA LYS A 135 -22.45 18.29 -30.71
C LYS A 135 -21.47 17.92 -31.79
N SER A 136 -21.96 17.16 -32.75
CA SER A 136 -21.07 16.78 -33.83
C SER A 136 -20.63 18.07 -34.55
N GLU A 137 -19.44 18.01 -35.13
CA GLU A 137 -18.75 19.20 -35.68
C GLU A 137 -18.67 20.43 -34.78
N GLY A 138 -18.78 20.26 -33.48
CA GLY A 138 -18.98 21.41 -32.65
C GLY A 138 -17.76 22.30 -32.45
N LEU A 139 -16.57 21.69 -32.39
CA LEU A 139 -15.41 22.43 -31.93
C LEU A 139 -14.26 22.29 -32.89
N ALA A 140 -13.40 23.30 -32.94
CA ALA A 140 -12.15 23.24 -33.70
C ALA A 140 -11.13 23.85 -32.79
N VAL A 141 -10.04 23.15 -32.56
CA VAL A 141 -8.98 23.71 -31.70
C VAL A 141 -7.68 23.74 -32.54
N LEU A 142 -6.98 24.85 -32.44
CA LEU A 142 -5.62 25.02 -33.05
C LEU A 142 -4.63 24.75 -31.93
N ALA A 143 -3.62 23.94 -32.20
CA ALA A 143 -2.58 23.67 -31.19
C ALA A 143 -1.26 24.14 -31.70
N VAL A 144 -0.52 24.80 -30.86
CA VAL A 144 0.83 25.29 -31.18
C VAL A 144 1.78 24.59 -30.16
N LEU A 145 2.69 23.77 -30.69
CA LEU A 145 3.71 23.16 -29.80
C LEU A 145 4.73 24.20 -29.39
N ILE A 146 5.19 24.16 -28.18
CA ILE A 146 6.08 25.19 -27.66
C ILE A 146 7.38 24.57 -27.18
N GLU A 147 8.50 25.11 -27.65
CA GLU A 147 9.81 24.61 -27.15
C GLU A 147 10.58 25.71 -26.47
N MET A 148 11.45 25.33 -25.57
CA MET A 148 12.29 26.31 -24.85
C MET A 148 13.37 26.81 -25.79
N GLY A 149 13.53 28.12 -25.90
CA GLY A 149 14.64 28.71 -26.67
C GLY A 149 14.69 30.16 -26.50
N SER A 150 14.37 30.85 -27.59
CA SER A 150 14.29 32.29 -27.54
C SER A 150 13.08 32.84 -26.79
N PHE A 151 13.30 33.91 -26.08
CA PHE A 151 12.21 34.76 -25.59
C PHE A 151 11.22 35.08 -26.67
N ASN A 152 9.96 35.08 -26.26
CA ASN A 152 8.90 35.36 -27.20
C ASN A 152 8.08 36.57 -26.73
N PRO A 153 8.27 37.74 -27.36
CA PRO A 153 7.56 38.94 -26.86
C PRO A 153 6.04 38.76 -26.98
N SER A 154 5.56 38.07 -28.03
CA SER A 154 4.12 37.85 -28.15
C SER A 154 3.52 37.03 -27.00
N TYR A 155 4.14 35.90 -26.69
CA TYR A 155 3.65 35.10 -25.56
C TYR A 155 3.83 35.87 -24.27
N ASP A 156 4.78 36.80 -24.19
CA ASP A 156 4.86 37.54 -22.93
C ASP A 156 3.67 38.47 -22.68
N LYS A 157 2.95 38.80 -23.74
CA LYS A 157 1.72 39.62 -23.61
C LYS A 157 0.73 38.92 -22.75
N ILE A 158 0.77 37.58 -22.71
CA ILE A 158 0.01 36.80 -21.73
C ILE A 158 0.84 36.49 -20.44
N PHE A 159 2.07 36.01 -20.57
CA PHE A 159 2.85 35.55 -19.43
C PHE A 159 3.22 36.62 -18.39
N SER A 160 3.30 37.88 -18.86
CA SER A 160 3.66 38.97 -17.95
C SER A 160 2.55 39.13 -16.88
N HIS A 161 1.34 38.55 -17.12
CA HIS A 161 0.25 38.62 -16.11
C HIS A 161 0.16 37.42 -15.19
N LEU A 162 1.03 36.42 -15.40
CA LEU A 162 0.91 35.20 -14.59
C LEU A 162 1.04 35.42 -13.08
N GLN A 163 2.00 36.24 -12.67
CA GLN A 163 2.23 36.41 -11.24
C GLN A 163 1.08 37.19 -10.60
N HIS A 164 0.11 37.58 -11.42
CA HIS A 164 -1.08 38.26 -10.95
C HIS A 164 -2.37 37.48 -10.97
N VAL A 165 -2.31 36.21 -11.44
CA VAL A 165 -3.41 35.24 -11.42
C VAL A 165 -2.93 33.90 -10.83
N LYS A 166 -2.13 34.01 -9.77
CA LYS A 166 -1.45 32.87 -9.15
C LYS A 166 -2.44 31.84 -8.66
N TYR A 167 -3.64 32.27 -8.23
CA TYR A 167 -4.51 31.35 -7.48
C TYR A 167 -5.81 31.18 -8.19
N LYS A 168 -6.42 30.03 -7.94
CA LYS A 168 -7.69 29.73 -8.54
C LYS A 168 -8.78 30.81 -8.43
N GLY A 169 -9.43 31.14 -9.56
CA GLY A 169 -10.50 32.11 -9.58
C GLY A 169 -10.00 33.53 -9.73
N GLN A 170 -8.69 33.75 -9.65
CA GLN A 170 -8.13 35.12 -9.89
C GLN A 170 -8.13 35.45 -11.37
N GLU A 171 -8.24 36.75 -11.65
CA GLU A 171 -8.48 37.22 -13.01
C GLU A 171 -7.63 38.44 -13.23
N ALA A 172 -7.17 38.62 -14.49
CA ALA A 172 -6.46 39.82 -14.95
C ALA A 172 -7.04 40.23 -16.27
N PHE A 173 -6.70 41.43 -16.73
CA PHE A 173 -7.10 41.85 -18.04
C PHE A 173 -5.87 41.97 -18.87
N VAL A 174 -5.99 41.47 -20.08
CA VAL A 174 -4.97 41.56 -21.14
C VAL A 174 -5.41 42.47 -22.27
N PRO A 175 -4.70 43.62 -22.48
CA PRO A 175 -4.96 44.44 -23.65
C PRO A 175 -4.87 43.59 -24.95
N GLY A 176 -5.74 43.89 -25.92
CA GLY A 176 -5.76 43.16 -27.15
C GLY A 176 -4.40 43.24 -27.83
N PHE A 177 -4.03 42.12 -28.44
CA PHE A 177 -2.85 42.08 -29.23
C PHE A 177 -3.12 41.10 -30.38
N ASN A 178 -2.23 41.02 -31.36
CA ASN A 178 -2.50 40.13 -32.45
C ASN A 178 -2.23 38.65 -32.07
N ILE A 179 -3.33 37.91 -31.92
CA ILE A 179 -3.21 36.47 -31.53
C ILE A 179 -2.45 35.66 -32.61
N GLU A 180 -2.38 36.16 -33.83
CA GLU A 180 -1.67 35.41 -34.88
C GLU A 180 -0.17 35.38 -34.59
N GLU A 181 0.28 36.27 -33.69
CA GLU A 181 1.70 36.33 -33.30
C GLU A 181 2.10 35.15 -32.44
N LEU A 182 1.08 34.46 -31.87
CA LEU A 182 1.31 33.21 -31.13
C LEU A 182 1.52 32.01 -32.03
N LEU A 183 1.23 32.14 -33.33
CA LEU A 183 1.24 30.98 -34.24
C LEU A 183 2.63 30.85 -34.75
N PRO A 184 3.03 29.63 -35.17
CA PRO A 184 4.37 29.40 -35.60
C PRO A 184 4.54 29.75 -37.06
N GLU A 185 5.76 29.58 -37.54
CA GLU A 185 6.03 29.79 -38.94
C GLU A 185 5.26 28.73 -39.81
N ARG A 186 4.92 29.14 -41.04
CA ARG A 186 4.35 28.23 -42.02
C ARG A 186 3.13 27.52 -41.44
N THR A 187 2.16 28.33 -41.05
CA THR A 187 0.89 27.75 -40.57
C THR A 187 0.10 26.91 -41.56
N ALA A 188 0.49 26.98 -42.85
CA ALA A 188 -0.17 26.19 -43.82
C ALA A 188 0.20 24.70 -43.63
N GLU A 189 1.25 24.43 -42.85
CA GLU A 189 1.73 23.06 -42.63
C GLU A 189 1.16 22.61 -41.28
N TYR A 190 0.28 21.63 -41.30
CA TYR A 190 -0.30 21.13 -40.03
C TYR A 190 -0.70 19.69 -40.08
N TYR A 191 -1.04 19.17 -38.91
CA TYR A 191 -1.63 17.83 -38.80
C TYR A 191 -3.07 18.07 -38.48
N ARG A 192 -3.94 17.21 -39.03
CA ARG A 192 -5.39 17.37 -38.91
C ARG A 192 -5.98 16.00 -38.53
N TYR A 193 -6.87 15.96 -37.53
CA TYR A 193 -7.57 14.72 -37.18
C TYR A 193 -8.78 15.03 -36.35
N ARG A 194 -9.68 14.08 -36.28
CA ARG A 194 -10.84 14.20 -35.45
C ARG A 194 -10.58 13.59 -34.12
N GLY A 195 -10.82 14.40 -33.10
CA GLY A 195 -10.46 13.95 -31.73
C GLY A 195 -11.42 14.56 -30.71
N SER A 196 -10.89 14.80 -29.50
CA SER A 196 -11.70 15.18 -28.42
C SER A 196 -11.12 16.36 -27.65
N LEU A 197 -11.88 16.88 -26.69
CA LEU A 197 -11.32 17.77 -25.69
C LEU A 197 -10.33 16.90 -24.89
N THR A 198 -9.23 17.50 -24.50
CA THR A 198 -8.25 16.70 -23.71
C THR A 198 -8.44 16.86 -22.23
N THR A 199 -9.51 17.55 -21.82
CA THR A 199 -9.90 17.68 -20.44
C THR A 199 -11.33 17.20 -20.31
N PRO A 200 -11.75 16.80 -19.10
CA PRO A 200 -13.18 16.51 -18.90
C PRO A 200 -14.00 17.72 -19.43
N PRO A 201 -15.13 17.45 -20.10
CA PRO A 201 -15.74 16.12 -20.22
C PRO A 201 -15.25 15.27 -21.35
N CYS A 202 -14.18 15.68 -22.03
CA CYS A 202 -13.53 14.78 -23.08
C CYS A 202 -14.43 14.59 -24.29
N ASN A 203 -15.31 15.53 -24.58
CA ASN A 203 -16.29 15.24 -25.64
C ASN A 203 -15.57 14.99 -26.98
N PRO A 204 -16.02 13.97 -27.79
CA PRO A 204 -15.32 13.61 -29.01
C PRO A 204 -15.76 14.45 -30.18
N THR A 205 -15.66 15.76 -29.97
CA THR A 205 -16.31 16.72 -30.87
C THR A 205 -15.36 17.72 -31.49
N VAL A 206 -14.03 17.48 -31.36
CA VAL A 206 -13.01 18.44 -31.81
C VAL A 206 -12.34 18.06 -33.09
N LEU A 207 -12.37 18.99 -34.02
CA LEU A 207 -11.49 18.97 -35.15
C LEU A 207 -10.16 19.58 -34.76
N TRP A 208 -9.13 18.75 -34.71
CA TRP A 208 -7.80 19.28 -34.33
C TRP A 208 -6.97 19.74 -35.47
N THR A 209 -6.26 20.85 -35.26
CA THR A 209 -5.27 21.33 -36.22
C THR A 209 -4.04 21.58 -35.35
N VAL A 210 -3.02 20.74 -35.51
CA VAL A 210 -1.77 20.92 -34.71
C VAL A 210 -0.75 21.45 -35.71
N PHE A 211 -0.25 22.66 -35.48
CA PHE A 211 0.76 23.15 -36.48
C PHE A 211 2.02 22.29 -36.47
N ARG A 212 2.59 22.16 -37.67
CA ARG A 212 3.86 21.39 -37.79
C ARG A 212 5.00 21.96 -36.99
N ASN A 213 5.20 23.27 -37.08
CA ASN A 213 6.40 23.87 -36.47
C ASN A 213 6.11 24.42 -35.08
N PRO A 214 7.02 24.24 -34.15
CA PRO A 214 6.81 24.77 -32.82
C PRO A 214 7.16 26.27 -32.79
N VAL A 215 6.72 26.97 -31.76
CA VAL A 215 7.32 28.22 -31.42
C VAL A 215 8.30 28.08 -30.25
N GLN A 216 9.10 29.12 -30.01
CA GLN A 216 9.98 29.14 -28.87
C GLN A 216 9.58 30.20 -27.88
N ILE A 217 9.78 29.86 -26.62
CA ILE A 217 9.67 30.82 -25.46
C ILE A 217 10.95 30.63 -24.65
N SER A 218 11.33 31.62 -23.86
CA SER A 218 12.67 31.51 -23.24
C SER A 218 12.59 30.55 -22.05
N GLN A 219 13.76 30.15 -21.49
CA GLN A 219 13.82 29.34 -20.25
C GLN A 219 13.10 30.13 -19.17
N GLU A 220 13.29 31.46 -19.13
CA GLU A 220 12.66 32.15 -18.03
C GLU A 220 11.13 32.19 -18.17
N GLN A 221 10.69 32.38 -19.38
CA GLN A 221 9.23 32.31 -19.63
C GLN A 221 8.63 30.95 -19.24
N LEU A 222 9.30 29.86 -19.70
CA LEU A 222 8.83 28.50 -19.38
C LEU A 222 8.80 28.30 -17.88
N LEU A 223 9.85 28.74 -17.19
CA LEU A 223 9.87 28.60 -15.73
C LEU A 223 8.80 29.38 -15.05
N ALA A 224 8.49 30.57 -15.54
CA ALA A 224 7.42 31.34 -14.94
C ALA A 224 6.07 30.61 -15.12
N LEU A 225 5.89 30.04 -16.30
CA LEU A 225 4.61 29.39 -16.60
C LEU A 225 4.47 28.19 -15.65
N GLU A 226 5.59 27.47 -15.44
CA GLU A 226 5.58 26.25 -14.63
C GLU A 226 5.50 26.54 -13.13
N THR A 227 5.85 27.76 -12.70
CA THR A 227 6.03 27.96 -11.27
C THR A 227 5.08 29.04 -10.74
N ALA A 228 4.44 29.80 -11.62
CA ALA A 228 3.63 30.95 -11.11
C ALA A 228 2.37 30.55 -10.46
N LEU A 229 1.75 29.46 -10.96
CA LEU A 229 0.32 29.21 -10.72
C LEU A 229 0.03 28.03 -9.82
N TYR A 230 -1.07 28.20 -9.08
CA TYR A 230 -1.64 27.18 -8.20
C TYR A 230 -3.02 26.82 -8.68
N CYS A 231 -3.40 25.54 -8.47
CA CYS A 231 -4.72 24.96 -8.71
C CYS A 231 -5.70 25.38 -7.61
N THR A 232 -5.15 25.88 -6.51
CA THR A 232 -5.97 26.13 -5.32
C THR A 232 -6.21 27.63 -5.12
N HIS A 233 -7.21 27.97 -4.30
CA HIS A 233 -7.54 29.37 -3.98
C HIS A 233 -6.48 29.93 -3.08
N MET A 234 -6.34 31.28 -3.07
N MET A 234 -6.36 31.27 -3.11
CA MET A 234 -5.36 31.98 -2.25
CA MET A 234 -5.43 32.04 -2.29
C MET A 234 -5.51 31.61 -0.78
C MET A 234 -5.54 31.60 -0.82
N ASP A 235 -6.76 31.40 -0.36
CA ASP A 235 -7.08 30.92 1.02
C ASP A 235 -6.39 29.65 1.50
N ASP A 236 -6.24 28.69 0.58
CA ASP A 236 -5.97 27.30 0.94
C ASP A 236 -4.66 27.15 1.71
N PRO A 237 -4.72 26.52 2.91
CA PRO A 237 -3.52 26.27 3.68
C PRO A 237 -2.68 25.10 3.09
N SER A 238 -3.29 24.32 2.18
CA SER A 238 -2.60 23.26 1.41
C SER A 238 -2.54 23.54 -0.11
N PRO A 239 -1.71 24.53 -0.53
CA PRO A 239 -1.68 24.87 -1.96
C PRO A 239 -1.26 23.67 -2.83
N ARG A 240 -1.88 23.54 -4.00
CA ARG A 240 -1.42 22.57 -5.04
C ARG A 240 -0.84 23.39 -6.25
N GLU A 241 0.39 23.10 -6.62
CA GLU A 241 1.06 23.79 -7.74
C GLU A 241 0.35 23.35 -9.03
N MET A 242 0.18 24.28 -9.96
CA MET A 242 -0.48 23.95 -11.21
C MET A 242 0.72 23.62 -12.11
N ILE A 243 1.03 22.33 -12.14
CA ILE A 243 2.07 21.74 -12.97
C ILE A 243 1.52 20.47 -13.62
N ASN A 244 2.23 20.03 -14.65
CA ASN A 244 1.90 18.77 -15.32
C ASN A 244 0.43 18.68 -15.66
N ASN A 245 -0.06 19.79 -16.18
CA ASN A 245 -1.50 19.78 -16.61
C ASN A 245 -1.71 19.45 -18.06
N PHE A 246 -1.20 18.27 -18.46
CA PHE A 246 -1.36 17.75 -19.81
C PHE A 246 -1.89 16.32 -19.64
N ARG A 247 -2.67 15.85 -20.60
CA ARG A 247 -3.08 14.47 -20.58
C ARG A 247 -2.03 13.59 -21.29
N GLN A 248 -1.82 12.37 -20.83
CA GLN A 248 -0.99 11.45 -21.61
C GLN A 248 -1.61 11.18 -22.99
N VAL A 249 -0.73 10.86 -23.95
CA VAL A 249 -1.27 10.46 -25.22
C VAL A 249 -2.17 9.17 -25.19
N GLN A 250 -3.15 9.15 -26.08
CA GLN A 250 -4.20 8.09 -26.19
C GLN A 250 -3.85 7.09 -27.29
N LYS A 251 -4.30 5.83 -27.17
CA LYS A 251 -4.29 4.91 -28.32
C LYS A 251 -4.88 5.57 -29.52
N PHE A 252 -4.35 5.24 -30.69
CA PHE A 252 -4.91 5.79 -31.93
C PHE A 252 -4.64 4.71 -32.96
N ASP A 253 -5.68 3.92 -33.19
CA ASP A 253 -5.57 2.63 -33.89
C ASP A 253 -6.57 2.62 -35.03
N GLU A 254 -6.20 2.02 -36.17
CA GLU A 254 -7.08 1.93 -37.39
C GLU A 254 -7.51 3.28 -37.90
N ARG A 255 -6.71 4.32 -37.60
CA ARG A 255 -7.09 5.72 -37.90
C ARG A 255 -5.89 6.44 -38.45
N LEU A 256 -6.13 7.55 -39.18
CA LEU A 256 -5.08 8.36 -39.68
C LEU A 256 -5.25 9.85 -39.27
N VAL A 257 -4.10 10.45 -39.21
CA VAL A 257 -3.92 11.87 -39.07
C VAL A 257 -3.51 12.30 -40.46
N TYR A 258 -4.15 13.35 -40.92
CA TYR A 258 -3.77 13.84 -42.28
C TYR A 258 -2.89 15.01 -42.14
N THR A 259 -1.92 15.18 -43.08
CA THR A 259 -0.94 16.26 -42.94
C THR A 259 -1.09 17.12 -44.17
N SER A 260 -0.97 18.45 -44.03
CA SER A 260 -1.02 19.35 -45.22
C SER A 260 0.39 19.56 -45.78
N PHE A 261 1.35 18.84 -45.24
CA PHE A 261 2.75 18.95 -45.71
C PHE A 261 3.13 17.54 -46.08
N SER A 262 4.07 17.39 -47.01
CA SER A 262 4.35 16.00 -47.38
C SER A 262 5.69 15.73 -46.75
N GLN A 263 5.98 14.44 -46.62
CA GLN A 263 7.12 13.94 -45.86
C GLN A 263 7.94 12.97 -46.74
N LYS B 3 -13.91 -7.65 -16.15
CA LYS B 3 -14.09 -7.57 -17.65
C LYS B 3 -13.36 -6.32 -18.12
N TRP B 4 -12.35 -6.51 -18.98
CA TRP B 4 -11.48 -5.38 -19.39
C TRP B 4 -10.78 -5.71 -20.69
N THR B 5 -10.47 -4.65 -21.44
CA THR B 5 -9.82 -4.80 -22.72
C THR B 5 -8.84 -3.72 -22.90
N TYR B 6 -8.21 -3.67 -24.08
CA TYR B 6 -7.37 -2.55 -24.49
C TYR B 6 -7.96 -1.66 -25.59
N PHE B 7 -9.21 -1.87 -25.87
CA PHE B 7 -9.84 -1.08 -26.93
C PHE B 7 -11.29 -0.98 -26.61
N GLY B 8 -11.87 0.21 -26.83
CA GLY B 8 -13.35 0.32 -26.68
C GLY B 8 -13.80 0.67 -25.26
N PRO B 9 -15.08 0.42 -24.91
CA PRO B 9 -15.65 0.90 -23.63
C PRO B 9 -15.01 0.43 -22.35
N ASP B 10 -14.48 -0.78 -22.39
CA ASP B 10 -13.84 -1.37 -21.26
C ASP B 10 -12.29 -1.26 -21.34
N GLY B 11 -11.79 -0.41 -22.23
CA GLY B 11 -10.35 -0.12 -22.43
C GLY B 11 -9.73 0.65 -21.24
N GLU B 12 -8.47 0.97 -21.43
CA GLU B 12 -7.61 1.31 -20.31
C GLU B 12 -8.07 2.57 -19.52
N ASN B 13 -8.71 3.56 -20.17
CA ASN B 13 -9.17 4.73 -19.40
C ASN B 13 -10.33 4.38 -18.46
N SER B 14 -10.96 3.20 -18.66
CA SER B 14 -12.07 2.77 -17.82
C SER B 14 -11.67 1.71 -16.81
N TRP B 15 -10.43 1.21 -16.86
CA TRP B 15 -10.03 0.16 -15.92
C TRP B 15 -10.24 0.55 -14.45
N SER B 16 -10.09 1.87 -14.14
CA SER B 16 -10.14 2.34 -12.73
C SER B 16 -11.56 2.24 -12.19
N LYS B 17 -12.56 2.10 -13.07
CA LYS B 17 -13.96 1.92 -12.60
C LYS B 17 -14.11 0.67 -11.76
N LYS B 18 -13.58 -0.45 -12.23
CA LYS B 18 -13.72 -1.73 -11.53
C LYS B 18 -12.49 -2.11 -10.74
N TYR B 19 -11.35 -1.53 -11.11
CA TYR B 19 -10.10 -1.85 -10.53
C TYR B 19 -9.43 -0.58 -10.04
N PRO B 20 -9.74 -0.12 -8.84
CA PRO B 20 -9.37 1.24 -8.40
C PRO B 20 -7.88 1.47 -8.49
N SER B 21 -7.05 0.43 -8.38
CA SER B 21 -5.59 0.63 -8.35
C SER B 21 -5.08 1.07 -9.69
N CYS B 22 -5.89 0.84 -10.73
CA CYS B 22 -5.46 1.30 -12.12
C CYS B 22 -5.47 2.82 -12.16
N GLY B 23 -6.13 3.48 -11.17
CA GLY B 23 -6.09 4.94 -11.04
C GLY B 23 -5.37 5.37 -9.78
N GLY B 24 -4.59 4.47 -9.22
CA GLY B 24 -3.78 4.71 -8.00
C GLY B 24 -2.34 5.03 -8.22
N LEU B 25 -1.57 4.74 -7.21
CA LEU B 25 -0.16 5.08 -7.09
C LEU B 25 0.70 4.12 -7.89
N LEU B 26 1.89 4.61 -8.21
CA LEU B 26 2.98 3.74 -8.68
C LEU B 26 2.64 3.01 -10.01
N GLN B 27 1.83 3.61 -10.88
CA GLN B 27 1.43 2.85 -12.08
C GLN B 27 2.51 2.76 -13.16
N SER B 28 2.54 1.60 -13.81
CA SER B 28 3.38 1.32 -14.90
C SER B 28 2.54 1.06 -16.18
N PRO B 29 3.14 1.11 -17.36
CA PRO B 29 4.55 1.34 -17.63
C PRO B 29 4.84 2.87 -17.70
N ILE B 30 6.11 3.23 -17.94
CA ILE B 30 6.53 4.63 -18.01
C ILE B 30 7.50 4.83 -19.19
N ASP B 31 7.69 6.08 -19.56
CA ASP B 31 8.73 6.43 -20.52
C ASP B 31 9.98 6.67 -19.73
N LEU B 32 11.00 5.96 -20.14
CA LEU B 32 12.28 6.08 -19.54
C LEU B 32 13.11 7.13 -20.27
N HIS B 33 13.32 8.27 -19.60
CA HIS B 33 14.03 9.36 -20.30
C HIS B 33 14.86 10.12 -19.32
N SER B 34 15.76 10.92 -19.84
CA SER B 34 16.94 11.28 -19.04
C SER B 34 16.55 12.13 -17.83
N ASP B 35 15.51 12.97 -17.94
CA ASP B 35 15.09 13.81 -16.81
C ASP B 35 14.71 13.07 -15.51
N ILE B 36 14.39 11.76 -15.60
CA ILE B 36 13.92 11.02 -14.45
C ILE B 36 14.84 9.87 -14.11
N LEU B 37 16.01 9.85 -14.74
CA LEU B 37 16.96 8.71 -14.50
C LEU B 37 18.02 9.18 -13.51
N GLN B 38 18.44 8.28 -12.63
CA GLN B 38 19.58 8.60 -11.75
C GLN B 38 20.44 7.32 -11.66
N TYR B 39 21.75 7.44 -11.97
CA TYR B 39 22.66 6.29 -11.82
C TYR B 39 22.74 5.88 -10.34
N ASP B 40 22.71 4.57 -10.08
CA ASP B 40 22.85 4.08 -8.72
C ASP B 40 23.95 3.01 -8.75
N ALA B 41 25.15 3.36 -8.21
CA ALA B 41 26.33 2.52 -8.39
C ALA B 41 26.21 1.26 -7.55
N SER B 42 25.25 1.22 -6.66
CA SER B 42 25.08 0.01 -5.83
C SER B 42 24.24 -1.09 -6.53
N LEU B 43 23.60 -0.76 -7.66
CA LEU B 43 22.74 -1.76 -8.31
C LEU B 43 23.66 -2.83 -8.95
N THR B 44 23.45 -4.09 -8.62
CA THR B 44 24.30 -5.15 -9.14
C THR B 44 23.66 -6.00 -10.21
N PRO B 45 24.49 -6.78 -10.92
CA PRO B 45 23.88 -7.56 -11.98
C PRO B 45 22.97 -8.56 -11.33
N LEU B 46 21.81 -8.77 -11.95
CA LEU B 46 20.97 -9.87 -11.59
C LEU B 46 21.62 -11.20 -12.02
N GLU B 47 21.35 -12.26 -11.25
CA GLU B 47 21.80 -13.60 -11.64
C GLU B 47 20.54 -14.42 -11.90
N PHE B 48 20.53 -15.12 -13.02
CA PHE B 48 19.33 -15.93 -13.39
C PHE B 48 19.62 -17.40 -13.16
N GLN B 49 18.95 -17.99 -12.18
CA GLN B 49 19.22 -19.43 -11.77
C GLN B 49 18.07 -20.33 -12.19
N GLY B 50 18.34 -21.52 -12.73
CA GLY B 50 17.25 -22.41 -13.06
C GLY B 50 16.49 -21.95 -14.27
N TYR B 51 17.01 -21.00 -15.02
CA TYR B 51 16.38 -20.56 -16.29
C TYR B 51 16.57 -21.57 -17.39
N ASN B 52 17.57 -22.45 -17.27
CA ASN B 52 17.74 -23.40 -18.36
C ASN B 52 16.81 -24.56 -18.08
N LEU B 53 15.59 -24.54 -18.65
CA LEU B 53 14.58 -25.58 -18.34
C LEU B 53 14.89 -26.85 -19.14
N SER B 54 14.70 -27.98 -18.47
CA SER B 54 14.97 -29.25 -19.12
C SER B 54 14.11 -29.45 -20.34
N ALA B 55 14.76 -29.87 -21.43
CA ALA B 55 13.99 -30.19 -22.65
C ALA B 55 13.12 -31.44 -22.48
N ASN B 56 13.37 -32.26 -21.43
CA ASN B 56 12.48 -33.41 -21.14
C ASN B 56 11.27 -33.00 -20.33
N LYS B 57 11.25 -31.74 -19.88
CA LYS B 57 10.07 -31.25 -19.19
C LYS B 57 9.29 -30.35 -20.15
N GLN B 58 8.08 -30.10 -19.73
CA GLN B 58 7.21 -29.18 -20.58
C GLN B 58 6.49 -28.21 -19.72
N PHE B 59 6.09 -27.11 -20.38
CA PHE B 59 5.60 -25.92 -19.66
C PHE B 59 4.38 -25.42 -20.38
N LEU B 60 3.39 -25.06 -19.60
CA LEU B 60 2.06 -24.73 -20.19
C LEU B 60 1.98 -23.32 -20.82
N LEU B 61 1.61 -23.29 -22.08
CA LEU B 61 1.33 -22.04 -22.83
C LEU B 61 -0.18 -21.85 -22.91
N THR B 62 -0.66 -20.65 -22.50
CA THR B 62 -2.10 -20.41 -22.30
C THR B 62 -2.39 -19.07 -22.97
N ASN B 63 -3.39 -19.07 -23.82
CA ASN B 63 -4.01 -17.79 -24.17
C ASN B 63 -5.04 -17.41 -23.10
N ASN B 64 -4.80 -16.33 -22.33
CA ASN B 64 -5.74 -16.01 -21.25
C ASN B 64 -6.74 -14.91 -21.63
N GLY B 65 -6.81 -14.60 -22.93
CA GLY B 65 -7.76 -13.59 -23.35
C GLY B 65 -7.15 -12.21 -23.46
N HIS B 66 -5.99 -11.98 -22.83
CA HIS B 66 -5.29 -10.69 -22.78
C HIS B 66 -3.90 -10.75 -23.32
N SER B 67 -3.24 -11.93 -23.27
CA SER B 67 -1.85 -12.08 -23.74
C SER B 67 -1.68 -13.59 -23.90
N VAL B 68 -0.50 -13.99 -24.29
CA VAL B 68 -0.18 -15.43 -24.31
C VAL B 68 0.88 -15.57 -23.24
N LYS B 69 0.63 -16.47 -22.28
CA LYS B 69 1.57 -16.70 -21.19
C LYS B 69 2.17 -18.09 -21.19
N LEU B 70 3.40 -18.19 -20.70
CA LEU B 70 4.06 -19.49 -20.55
C LEU B 70 4.27 -19.60 -19.05
N ASN B 71 3.73 -20.69 -18.46
CA ASN B 71 3.96 -20.97 -17.04
C ASN B 71 5.40 -21.38 -16.77
N LEU B 72 5.98 -20.90 -15.68
CA LEU B 72 7.36 -21.19 -15.41
C LEU B 72 7.44 -21.77 -14.04
N PRO B 73 8.47 -22.62 -13.78
CA PRO B 73 8.49 -23.35 -12.49
C PRO B 73 9.14 -22.52 -11.37
N SER B 74 8.72 -22.75 -10.13
CA SER B 74 9.18 -21.89 -9.00
C SER B 74 10.65 -22.13 -8.67
N ASP B 75 11.25 -23.23 -9.17
CA ASP B 75 12.72 -23.42 -9.08
C ASP B 75 13.57 -22.39 -9.89
N MET B 76 12.99 -21.75 -10.90
CA MET B 76 13.63 -20.66 -11.62
C MET B 76 13.59 -19.40 -10.71
N HIS B 77 14.74 -18.77 -10.43
CA HIS B 77 14.74 -17.59 -9.60
C HIS B 77 15.75 -16.56 -9.98
N ILE B 78 15.54 -15.35 -9.46
CA ILE B 78 16.53 -14.32 -9.68
C ILE B 78 17.23 -14.07 -8.35
N GLN B 79 18.53 -13.83 -8.43
CA GLN B 79 19.25 -13.35 -7.24
C GLN B 79 19.80 -11.95 -7.59
N GLY B 80 20.14 -11.18 -6.57
CA GLY B 80 20.51 -9.81 -6.79
C GLY B 80 19.52 -8.81 -6.30
N LEU B 81 18.34 -9.30 -5.86
CA LEU B 81 17.38 -8.45 -5.24
C LEU B 81 17.51 -8.84 -3.76
N GLN B 82 16.81 -8.02 -2.96
N GLN B 82 16.98 -8.04 -2.89
CA GLN B 82 16.74 -8.00 -1.47
CA GLN B 82 17.21 -8.40 -1.53
C GLN B 82 15.79 -9.05 -0.83
C GLN B 82 16.50 -9.71 -1.20
N SER B 83 15.26 -9.91 -1.71
CA SER B 83 14.50 -11.12 -1.40
C SER B 83 14.73 -12.03 -2.60
N ARG B 84 14.63 -13.34 -2.39
CA ARG B 84 14.64 -14.24 -3.55
C ARG B 84 13.27 -14.08 -4.24
N TYR B 85 13.31 -13.87 -5.58
CA TYR B 85 12.09 -13.92 -6.40
C TYR B 85 12.07 -15.17 -7.29
N SER B 86 10.92 -15.90 -7.32
CA SER B 86 10.86 -17.13 -8.09
C SER B 86 9.90 -16.87 -9.22
N ALA B 87 10.23 -17.50 -10.32
CA ALA B 87 9.42 -17.30 -11.56
C ALA B 87 8.00 -17.82 -11.36
N THR B 88 7.08 -17.18 -12.10
CA THR B 88 5.70 -17.71 -12.22
C THR B 88 5.25 -17.84 -13.68
N GLN B 89 5.52 -16.83 -14.49
CA GLN B 89 5.17 -16.93 -15.91
C GLN B 89 5.89 -15.84 -16.68
N LEU B 90 5.91 -16.01 -17.98
CA LEU B 90 6.27 -14.93 -18.92
C LEU B 90 5.18 -14.70 -19.95
N HIS B 91 5.13 -13.47 -20.52
CA HIS B 91 4.09 -13.22 -21.53
C HIS B 91 4.62 -12.03 -22.30
N LEU B 92 3.90 -11.62 -23.35
CA LEU B 92 4.36 -10.55 -24.22
C LEU B 92 3.25 -9.51 -24.43
N HIS B 93 3.69 -8.37 -24.93
CA HIS B 93 2.78 -7.27 -25.34
C HIS B 93 3.23 -6.85 -26.70
N TRP B 94 2.27 -6.50 -27.58
CA TRP B 94 2.65 -6.06 -28.93
C TRP B 94 1.60 -5.14 -29.49
N GLY B 95 1.93 -4.64 -30.68
CA GLY B 95 1.05 -3.61 -31.37
C GLY B 95 0.16 -4.25 -32.43
N ASN B 96 0.32 -3.76 -33.68
CA ASN B 96 -0.53 -4.30 -34.73
C ASN B 96 0.21 -4.12 -36.08
N PRO B 97 -0.23 -4.83 -37.13
CA PRO B 97 0.58 -4.81 -38.37
C PRO B 97 0.65 -3.44 -39.01
N ASN B 98 -0.34 -2.58 -38.79
CA ASN B 98 -0.24 -1.20 -39.31
C ASN B 98 0.65 -0.23 -38.48
N ASP B 99 0.97 -0.61 -37.25
CA ASP B 99 1.73 0.24 -36.36
C ASP B 99 2.42 -0.72 -35.41
N PRO B 100 3.47 -1.39 -35.90
CA PRO B 100 4.09 -2.47 -35.08
C PRO B 100 5.03 -1.98 -34.00
N HIS B 101 4.46 -1.25 -33.05
CA HIS B 101 5.24 -0.57 -32.01
C HIS B 101 4.47 -0.66 -30.71
N GLY B 102 4.42 -1.86 -30.14
CA GLY B 102 3.60 -2.19 -29.00
C GLY B 102 4.35 -2.56 -27.72
N SER B 103 5.52 -2.03 -27.50
CA SER B 103 6.13 -2.24 -26.20
C SER B 103 5.33 -1.42 -25.19
N GLU B 104 5.52 -1.74 -23.91
CA GLU B 104 4.83 -1.03 -22.81
C GLU B 104 5.70 0.10 -22.36
N HIS B 105 6.92 -0.17 -21.95
CA HIS B 105 7.86 0.93 -21.63
C HIS B 105 8.33 1.54 -22.89
N THR B 106 8.61 2.85 -22.83
CA THR B 106 9.26 3.49 -23.98
C THR B 106 10.58 4.07 -23.48
N VAL B 107 11.52 4.34 -24.40
CA VAL B 107 12.83 4.92 -24.00
C VAL B 107 12.98 6.20 -24.85
N SER B 108 13.08 7.32 -24.18
CA SER B 108 13.18 8.64 -24.85
C SER B 108 12.04 8.82 -25.81
N GLY B 109 10.86 8.37 -25.36
CA GLY B 109 9.65 8.54 -26.20
C GLY B 109 9.31 7.47 -27.20
N GLN B 110 10.26 6.54 -27.39
CA GLN B 110 10.19 5.63 -28.52
C GLN B 110 9.65 4.28 -28.03
N HIS B 111 8.62 3.80 -28.72
CA HIS B 111 8.12 2.43 -28.48
C HIS B 111 8.99 1.48 -29.17
N PHE B 112 9.22 0.31 -28.58
CA PHE B 112 9.80 -0.76 -29.36
C PHE B 112 8.70 -1.62 -29.96
N ALA B 113 9.05 -2.60 -30.78
CA ALA B 113 8.04 -3.35 -31.44
C ALA B 113 7.15 -4.14 -30.48
N ALA B 114 7.77 -4.68 -29.43
CA ALA B 114 7.08 -5.50 -28.51
C ALA B 114 7.85 -5.60 -27.17
N GLU B 115 7.33 -6.34 -26.19
CA GLU B 115 8.04 -6.41 -24.91
C GLU B 115 7.68 -7.70 -24.25
N LEU B 116 8.71 -8.37 -23.74
CA LEU B 116 8.56 -9.61 -22.95
C LEU B 116 8.66 -9.30 -21.51
N HIS B 117 7.75 -9.84 -20.72
CA HIS B 117 7.82 -9.75 -19.32
C HIS B 117 7.96 -11.13 -18.68
N ILE B 118 8.95 -11.24 -17.79
CA ILE B 118 9.14 -12.51 -17.01
C ILE B 118 8.79 -12.20 -15.55
N VAL B 119 7.64 -12.71 -15.13
CA VAL B 119 7.01 -12.38 -13.84
C VAL B 119 7.53 -13.34 -12.75
N HIS B 120 7.92 -12.77 -11.62
CA HIS B 120 8.45 -13.53 -10.46
C HIS B 120 7.70 -13.03 -9.25
N TYR B 121 7.71 -13.86 -8.19
CA TYR B 121 7.06 -13.47 -6.98
C TYR B 121 8.06 -13.64 -5.81
N ASN B 122 7.78 -12.93 -4.75
CA ASN B 122 8.66 -12.95 -3.53
C ASN B 122 8.40 -14.27 -2.73
N SER B 123 9.23 -15.25 -3.02
CA SER B 123 8.99 -16.59 -2.42
C SER B 123 9.56 -16.63 -1.03
N ASP B 124 10.37 -15.65 -0.65
CA ASP B 124 10.73 -15.53 0.78
C ASP B 124 9.58 -15.12 1.66
N LEU B 125 8.71 -14.24 1.15
CA LEU B 125 7.57 -13.80 1.93
C LEU B 125 6.27 -14.51 1.67
N TYR B 126 6.10 -15.02 0.46
CA TYR B 126 4.76 -15.49 0.04
C TYR B 126 4.79 -16.92 -0.54
N PRO B 127 3.65 -17.67 -0.40
CA PRO B 127 3.60 -19.09 -0.80
C PRO B 127 3.57 -19.27 -2.34
N ASP B 128 3.00 -18.30 -3.06
CA ASP B 128 2.86 -18.44 -4.49
C ASP B 128 2.56 -17.05 -5.09
N ALA B 129 2.42 -17.03 -6.41
CA ALA B 129 2.33 -15.72 -7.09
C ALA B 129 1.01 -14.98 -6.79
N SER B 130 -0.11 -15.71 -6.78
N SER B 130 -0.13 -15.70 -6.78
CA SER B 130 -1.42 -15.06 -6.55
CA SER B 130 -1.44 -15.02 -6.58
C SER B 130 -1.40 -14.36 -5.22
C SER B 130 -1.54 -14.40 -5.18
N THR B 131 -0.96 -15.08 -4.18
CA THR B 131 -0.98 -14.53 -2.83
C THR B 131 -0.04 -13.34 -2.80
N ALA B 132 1.10 -13.43 -3.45
CA ALA B 132 2.08 -12.31 -3.48
C ALA B 132 1.58 -11.05 -4.17
N SER B 133 0.69 -11.27 -5.13
CA SER B 133 0.45 -10.20 -6.10
C SER B 133 -0.14 -8.92 -5.52
N ASN B 134 -0.94 -8.99 -4.47
CA ASN B 134 -1.44 -7.76 -3.87
C ASN B 134 -0.82 -7.49 -2.48
N LYS B 135 0.43 -7.95 -2.28
CA LYS B 135 1.10 -7.68 -1.04
C LYS B 135 2.41 -7.00 -1.24
N SER B 136 2.84 -6.35 -0.16
CA SER B 136 4.07 -5.55 -0.20
C SER B 136 5.24 -6.36 -0.71
N GLU B 137 5.99 -5.82 -1.69
CA GLU B 137 7.19 -6.47 -2.18
C GLU B 137 6.81 -7.75 -2.87
N GLY B 138 5.60 -7.84 -3.37
CA GLY B 138 5.13 -9.13 -3.89
C GLY B 138 5.79 -9.66 -5.13
N LEU B 139 6.01 -8.74 -6.08
CA LEU B 139 6.40 -9.16 -7.45
C LEU B 139 7.63 -8.48 -8.02
N ALA B 140 8.33 -9.15 -8.92
CA ALA B 140 9.43 -8.59 -9.62
C ALA B 140 9.30 -9.01 -11.05
N VAL B 141 9.29 -8.03 -11.97
CA VAL B 141 9.15 -8.41 -13.33
C VAL B 141 10.36 -7.95 -14.15
N LEU B 142 10.88 -8.84 -15.00
CA LEU B 142 11.99 -8.51 -15.93
C LEU B 142 11.35 -8.10 -17.23
N ALA B 143 11.79 -7.00 -17.83
CA ALA B 143 11.21 -6.57 -19.13
C ALA B 143 12.32 -6.51 -20.14
N VAL B 144 12.04 -7.12 -21.26
CA VAL B 144 12.95 -7.09 -22.36
C VAL B 144 12.24 -6.40 -23.52
N LEU B 145 12.90 -5.37 -24.03
CA LEU B 145 12.42 -4.64 -25.21
C LEU B 145 12.79 -5.40 -26.46
N ILE B 146 11.83 -5.48 -27.39
CA ILE B 146 12.00 -6.28 -28.62
C ILE B 146 11.90 -5.39 -29.80
N GLU B 147 12.89 -5.46 -30.66
CA GLU B 147 12.82 -4.68 -31.94
C GLU B 147 12.87 -5.63 -33.14
N MET B 148 12.38 -5.15 -34.29
CA MET B 148 12.47 -5.92 -35.52
C MET B 148 13.93 -5.98 -35.98
N GLY B 149 14.41 -7.17 -36.37
CA GLY B 149 15.76 -7.38 -36.78
C GLY B 149 15.91 -8.78 -37.31
N SER B 150 16.98 -9.37 -36.94
CA SER B 150 17.31 -10.76 -37.26
C SER B 150 16.34 -11.78 -36.62
N PHE B 151 16.11 -12.89 -37.32
CA PHE B 151 15.37 -14.02 -36.81
C PHE B 151 15.91 -14.53 -35.49
N ASN B 152 15.03 -14.79 -34.55
CA ASN B 152 15.48 -15.17 -33.23
C ASN B 152 14.96 -16.59 -32.93
N PRO B 153 15.82 -17.62 -33.04
CA PRO B 153 15.38 -18.95 -32.81
C PRO B 153 14.88 -19.18 -31.37
N SER B 154 15.43 -18.46 -30.34
CA SER B 154 14.91 -18.63 -28.99
C SER B 154 13.45 -18.18 -28.85
N TYR B 155 13.14 -17.00 -29.34
CA TYR B 155 11.72 -16.56 -29.27
C TYR B 155 10.88 -17.48 -30.12
N ASP B 156 11.43 -18.02 -31.22
CA ASP B 156 10.64 -19.01 -31.96
C ASP B 156 10.23 -20.27 -31.17
N LYS B 157 10.96 -20.60 -30.13
CA LYS B 157 10.54 -21.69 -29.25
C LYS B 157 9.17 -21.46 -28.58
N ILE B 158 8.78 -20.17 -28.50
CA ILE B 158 7.42 -19.85 -28.04
C ILE B 158 6.52 -19.67 -29.28
N PHE B 159 6.99 -18.85 -30.24
CA PHE B 159 6.13 -18.41 -31.40
C PHE B 159 5.64 -19.60 -32.26
N SER B 160 6.45 -20.68 -32.34
CA SER B 160 6.07 -21.83 -33.16
C SER B 160 4.83 -22.58 -32.57
N HIS B 161 4.39 -22.29 -31.35
CA HIS B 161 3.22 -22.92 -30.73
C HIS B 161 1.98 -22.08 -30.75
N LEU B 162 2.08 -20.88 -31.35
CA LEU B 162 0.98 -19.88 -31.20
C LEU B 162 -0.32 -20.37 -31.84
N GLN B 163 -0.19 -21.18 -32.88
CA GLN B 163 -1.38 -21.57 -33.63
C GLN B 163 -2.18 -22.59 -32.82
N HIS B 164 -1.62 -23.09 -31.71
CA HIS B 164 -2.36 -23.97 -30.84
C HIS B 164 -3.01 -23.34 -29.68
N VAL B 165 -2.83 -22.00 -29.54
CA VAL B 165 -3.50 -21.27 -28.47
C VAL B 165 -4.16 -20.05 -29.07
N LYS B 166 -4.78 -20.23 -30.25
CA LYS B 166 -5.37 -19.05 -30.93
C LYS B 166 -6.46 -18.36 -30.15
N TYR B 167 -7.28 -19.14 -29.44
CA TYR B 167 -8.43 -18.57 -28.76
C TYR B 167 -8.31 -18.61 -27.24
N LYS B 168 -9.05 -17.72 -26.60
CA LYS B 168 -9.06 -17.67 -25.13
C LYS B 168 -9.35 -19.03 -24.48
N GLY B 169 -8.53 -19.40 -23.49
CA GLY B 169 -8.70 -20.64 -22.78
C GLY B 169 -7.89 -21.77 -23.35
N GLN B 170 -7.40 -21.62 -24.61
CA GLN B 170 -6.70 -22.74 -25.24
C GLN B 170 -5.27 -22.80 -24.64
N GLU B 171 -4.82 -24.02 -24.45
CA GLU B 171 -3.51 -24.30 -23.78
C GLU B 171 -2.71 -25.24 -24.64
N ALA B 172 -1.38 -25.20 -24.58
CA ALA B 172 -0.53 -26.13 -25.37
C ALA B 172 0.74 -26.30 -24.55
N PHE B 173 1.48 -27.39 -24.68
CA PHE B 173 2.69 -27.48 -23.89
C PHE B 173 3.87 -27.18 -24.75
N VAL B 174 4.87 -26.60 -24.10
CA VAL B 174 6.09 -26.16 -24.78
C VAL B 174 7.24 -26.92 -24.06
N PRO B 175 8.09 -27.66 -24.84
CA PRO B 175 9.28 -28.27 -24.22
C PRO B 175 10.19 -27.26 -23.57
N GLY B 176 10.77 -27.66 -22.45
CA GLY B 176 11.79 -26.84 -21.78
C GLY B 176 12.85 -26.34 -22.74
N PHE B 177 13.19 -25.06 -22.57
CA PHE B 177 14.33 -24.40 -23.23
C PHE B 177 14.99 -23.40 -22.32
N ASN B 178 16.12 -22.85 -22.78
CA ASN B 178 16.83 -21.93 -21.89
C ASN B 178 16.22 -20.52 -21.99
N ILE B 179 15.51 -20.16 -20.94
CA ILE B 179 14.79 -18.86 -20.86
C ILE B 179 15.79 -17.70 -20.91
N GLU B 180 17.02 -17.90 -20.41
N GLU B 180 17.00 -17.90 -20.39
CA GLU B 180 18.04 -16.87 -20.59
CA GLU B 180 17.99 -16.83 -20.54
C GLU B 180 18.26 -16.39 -22.02
C GLU B 180 18.32 -16.42 -22.00
N GLU B 181 18.04 -17.27 -23.02
CA GLU B 181 18.24 -16.92 -24.43
C GLU B 181 17.23 -15.85 -24.84
N LEU B 182 16.18 -15.67 -24.05
CA LEU B 182 15.23 -14.54 -24.35
C LEU B 182 15.73 -13.19 -23.86
N LEU B 183 16.79 -13.19 -23.05
CA LEU B 183 17.34 -11.95 -22.50
C LEU B 183 18.36 -11.36 -23.46
N PRO B 184 18.57 -10.04 -23.39
CA PRO B 184 19.58 -9.40 -24.24
C PRO B 184 21.01 -9.61 -23.75
N GLU B 185 21.78 -8.90 -24.54
CA GLU B 185 23.09 -8.37 -24.30
C GLU B 185 23.26 -7.62 -23.00
N ARG B 186 24.31 -7.96 -22.29
CA ARG B 186 24.70 -7.12 -21.23
C ARG B 186 23.50 -6.88 -20.34
N THR B 187 22.94 -7.94 -19.77
CA THR B 187 21.89 -7.73 -18.83
C THR B 187 22.28 -6.85 -17.61
N ALA B 188 23.59 -6.65 -17.39
CA ALA B 188 24.00 -5.89 -16.26
C ALA B 188 23.46 -4.43 -16.27
N GLU B 189 23.24 -3.89 -17.48
CA GLU B 189 22.72 -2.52 -17.64
C GLU B 189 21.18 -2.55 -17.72
N TYR B 190 20.55 -1.87 -16.78
CA TYR B 190 19.07 -1.88 -16.71
C TYR B 190 18.56 -0.65 -16.04
N TYR B 191 17.24 -0.46 -16.17
CA TYR B 191 16.48 0.55 -15.45
C TYR B 191 15.74 -0.15 -14.34
N ARG B 192 15.61 0.46 -13.17
CA ARG B 192 14.97 -0.17 -12.04
C ARG B 192 14.05 0.85 -11.37
N TYR B 193 12.83 0.46 -11.11
CA TYR B 193 11.90 1.31 -10.40
C TYR B 193 10.76 0.57 -9.79
N ARG B 194 10.12 1.17 -8.79
CA ARG B 194 8.94 0.58 -8.16
C ARG B 194 7.73 0.98 -8.99
N GLY B 195 6.94 -0.02 -9.38
CA GLY B 195 5.71 0.27 -10.14
C GLY B 195 4.63 -0.75 -9.90
N SER B 196 3.90 -1.07 -10.95
CA SER B 196 2.64 -1.82 -10.85
C SER B 196 2.51 -2.89 -11.87
N LEU B 197 1.50 -3.75 -11.69
CA LEU B 197 1.05 -4.54 -12.85
C LEU B 197 0.55 -3.55 -13.92
N THR B 198 0.80 -3.92 -15.17
CA THR B 198 0.35 -3.05 -16.29
C THR B 198 -1.05 -3.45 -16.83
N THR B 199 -1.70 -4.39 -16.12
CA THR B 199 -3.03 -4.85 -16.44
C THR B 199 -3.83 -4.82 -15.16
N PRO B 200 -5.15 -4.77 -15.24
CA PRO B 200 -5.97 -4.92 -14.05
C PRO B 200 -5.50 -6.21 -13.34
N PRO B 201 -5.42 -6.20 -12.01
CA PRO B 201 -5.88 -5.17 -11.13
C PRO B 201 -4.90 -4.00 -10.84
N CYS B 202 -3.78 -3.97 -11.57
CA CYS B 202 -2.84 -2.81 -11.52
C CYS B 202 -2.22 -2.63 -10.12
N ASN B 203 -2.05 -3.74 -9.37
CA ASN B 203 -1.48 -3.64 -8.02
C ASN B 203 -0.12 -2.97 -8.07
N PRO B 204 0.11 -1.97 -7.14
CA PRO B 204 1.42 -1.27 -7.10
C PRO B 204 2.40 -2.06 -6.25
N THR B 205 2.70 -3.27 -6.72
CA THR B 205 3.48 -4.21 -5.95
C THR B 205 4.59 -4.84 -6.76
N VAL B 206 4.93 -4.20 -7.84
CA VAL B 206 5.97 -4.68 -8.77
C VAL B 206 7.31 -3.92 -8.72
N LEU B 207 8.37 -4.66 -8.54
CA LEU B 207 9.74 -4.09 -8.68
C LEU B 207 10.11 -4.39 -10.13
N TRP B 208 10.20 -3.33 -10.95
CA TRP B 208 10.62 -3.51 -12.34
C TRP B 208 12.08 -3.41 -12.61
N THR B 209 12.53 -4.26 -13.56
CA THR B 209 13.84 -4.19 -14.15
C THR B 209 13.63 -4.24 -15.62
N VAL B 210 13.98 -3.16 -16.32
CA VAL B 210 13.85 -3.13 -17.78
C VAL B 210 15.26 -3.14 -18.28
N PHE B 211 15.62 -4.13 -19.07
CA PHE B 211 16.97 -4.15 -19.58
C PHE B 211 17.23 -3.04 -20.59
N ARG B 212 18.45 -2.52 -20.59
CA ARG B 212 18.75 -1.37 -21.46
C ARG B 212 18.77 -1.75 -22.90
N ASN B 213 19.27 -2.94 -23.18
CA ASN B 213 19.51 -3.39 -24.56
C ASN B 213 18.36 -4.25 -25.06
N PRO B 214 17.86 -3.93 -26.27
CA PRO B 214 16.75 -4.71 -26.79
C PRO B 214 17.29 -6.03 -27.41
N VAL B 215 16.36 -6.94 -27.67
CA VAL B 215 16.64 -8.08 -28.53
C VAL B 215 15.94 -7.90 -29.87
N GLN B 216 16.28 -8.75 -30.84
CA GLN B 216 15.66 -8.68 -32.13
C GLN B 216 14.89 -9.94 -32.43
N ILE B 217 13.78 -9.78 -33.14
CA ILE B 217 13.07 -10.89 -33.74
C ILE B 217 12.78 -10.45 -35.16
N SER B 218 12.47 -11.39 -36.07
CA SER B 218 12.36 -10.98 -37.46
C SER B 218 11.03 -10.30 -37.73
N GLN B 219 10.98 -9.65 -38.90
CA GLN B 219 9.71 -9.10 -39.37
C GLN B 219 8.59 -10.13 -39.37
N GLU B 220 8.93 -11.32 -39.86
CA GLU B 220 7.99 -12.42 -39.97
C GLU B 220 7.54 -12.93 -38.60
N GLN B 221 8.49 -13.04 -37.66
CA GLN B 221 8.13 -13.44 -36.30
C GLN B 221 7.18 -12.40 -35.68
N LEU B 222 7.43 -11.12 -35.91
CA LEU B 222 6.61 -10.12 -35.23
C LEU B 222 5.17 -10.12 -35.86
N LEU B 223 5.11 -10.25 -37.18
CA LEU B 223 3.82 -10.36 -37.85
C LEU B 223 3.06 -11.59 -37.42
N ALA B 224 3.74 -12.74 -37.25
CA ALA B 224 3.09 -13.93 -36.74
C ALA B 224 2.50 -13.67 -35.34
N LEU B 225 3.28 -13.03 -34.47
CA LEU B 225 2.75 -12.70 -33.16
C LEU B 225 1.53 -11.81 -33.19
N GLU B 226 1.56 -10.77 -33.99
CA GLU B 226 0.48 -9.82 -34.11
C GLU B 226 -0.78 -10.35 -34.76
N THR B 227 -0.69 -11.48 -35.47
CA THR B 227 -1.80 -11.98 -36.26
C THR B 227 -2.34 -13.30 -35.72
N ALA B 228 -1.63 -13.92 -34.78
CA ALA B 228 -1.94 -15.32 -34.39
C ALA B 228 -3.15 -15.51 -33.49
N LEU B 229 -3.39 -14.49 -32.64
CA LEU B 229 -4.20 -14.75 -31.46
C LEU B 229 -5.42 -13.94 -31.41
N TYR B 230 -6.42 -14.46 -30.72
CA TYR B 230 -7.68 -13.75 -30.47
C TYR B 230 -7.90 -13.66 -28.96
N CYS B 231 -8.54 -12.57 -28.53
CA CYS B 231 -8.94 -12.39 -27.14
C CYS B 231 -10.10 -13.21 -26.66
N THR B 232 -10.86 -13.75 -27.62
CA THR B 232 -12.18 -14.35 -27.33
C THR B 232 -12.07 -15.86 -27.42
N HIS B 233 -13.08 -16.52 -26.84
CA HIS B 233 -13.17 -17.99 -26.82
C HIS B 233 -13.61 -18.47 -28.15
N MET B 234 -13.32 -19.72 -28.51
N MET B 234 -13.32 -19.73 -28.48
CA MET B 234 -13.96 -20.25 -29.71
CA MET B 234 -14.01 -20.34 -29.60
C MET B 234 -15.41 -20.43 -29.28
C MET B 234 -15.47 -20.24 -29.20
N ASP B 235 -16.37 -20.11 -30.15
CA ASP B 235 -17.82 -19.97 -29.80
C ASP B 235 -18.24 -18.50 -29.40
N ASP B 236 -17.33 -17.54 -29.25
CA ASP B 236 -17.75 -16.13 -29.11
C ASP B 236 -18.34 -15.61 -30.42
N PRO B 237 -19.57 -15.07 -30.34
CA PRO B 237 -20.25 -14.45 -31.48
C PRO B 237 -19.51 -13.25 -32.05
N SER B 238 -18.66 -12.59 -31.24
CA SER B 238 -18.01 -11.32 -31.72
C SER B 238 -16.50 -11.47 -31.49
N PRO B 239 -15.81 -12.14 -32.39
CA PRO B 239 -14.35 -12.43 -32.10
C PRO B 239 -13.56 -11.13 -32.14
N ARG B 240 -12.52 -11.06 -31.31
CA ARG B 240 -11.72 -9.84 -31.26
C ARG B 240 -10.26 -10.32 -31.37
N GLU B 241 -9.51 -9.74 -32.28
CA GLU B 241 -8.05 -10.04 -32.45
C GLU B 241 -7.26 -9.54 -31.31
N MET B 242 -6.27 -10.31 -30.90
CA MET B 242 -5.37 -9.87 -29.84
C MET B 242 -4.21 -9.05 -30.35
N ILE B 243 -4.47 -7.72 -30.36
CA ILE B 243 -3.56 -6.74 -30.90
C ILE B 243 -3.58 -5.52 -30.01
N ASN B 244 -2.48 -4.78 -30.05
CA ASN B 244 -2.34 -3.52 -29.22
C ASN B 244 -2.60 -3.81 -27.75
N ASN B 245 -2.03 -4.94 -27.24
CA ASN B 245 -2.30 -5.31 -25.85
C ASN B 245 -1.18 -4.76 -24.96
N PHE B 246 -1.01 -3.45 -25.00
CA PHE B 246 -0.03 -2.77 -24.18
C PHE B 246 -0.78 -1.54 -23.58
N ARG B 247 -0.37 -1.15 -22.38
CA ARG B 247 -0.95 0.00 -21.75
C ARG B 247 -0.18 1.26 -22.11
N GLN B 248 -0.87 2.39 -22.35
CA GLN B 248 -0.08 3.61 -22.53
C GLN B 248 0.79 3.94 -21.32
N VAL B 249 1.83 4.74 -21.58
CA VAL B 249 2.73 5.13 -20.48
C VAL B 249 1.96 6.06 -19.51
N GLN B 250 2.35 5.95 -18.24
CA GLN B 250 1.71 6.66 -17.15
C GLN B 250 2.54 7.90 -16.78
N LYS B 251 1.86 8.87 -16.18
CA LYS B 251 2.60 9.96 -15.47
C LYS B 251 3.63 9.40 -14.51
N PHE B 252 4.76 10.13 -14.40
CA PHE B 252 5.78 9.66 -13.49
C PHE B 252 6.45 10.91 -13.02
N ASP B 253 5.98 11.36 -11.88
CA ASP B 253 6.31 12.76 -11.39
C ASP B 253 6.86 12.71 -9.99
N GLU B 254 7.86 13.57 -9.74
CA GLU B 254 8.55 13.66 -8.42
C GLU B 254 9.14 12.33 -7.98
N ARG B 255 9.64 11.58 -8.95
N ARG B 255 9.62 11.57 -8.96
CA ARG B 255 10.19 10.25 -8.69
CA ARG B 255 10.07 10.18 -8.77
C ARG B 255 11.34 10.06 -9.65
C ARG B 255 11.16 9.89 -9.79
N LEU B 256 12.01 8.92 -9.49
CA LEU B 256 13.18 8.63 -10.23
C LEU B 256 13.25 7.10 -10.57
N VAL B 257 13.79 6.83 -11.73
CA VAL B 257 14.11 5.50 -12.17
C VAL B 257 15.62 5.35 -11.99
N TYR B 258 16.08 4.27 -11.37
CA TYR B 258 17.52 4.13 -11.11
C TYR B 258 18.13 3.29 -12.18
N THR B 259 19.31 3.67 -12.62
CA THR B 259 20.00 2.94 -13.66
C THR B 259 21.28 2.32 -13.16
N SER B 260 21.59 1.17 -13.72
CA SER B 260 22.83 0.49 -13.36
C SER B 260 23.95 0.89 -14.29
N PHE B 261 23.73 1.92 -15.10
CA PHE B 261 24.74 2.38 -16.10
C PHE B 261 24.70 3.91 -16.06
N SER B 262 25.89 4.51 -16.21
CA SER B 262 25.97 5.97 -16.05
C SER B 262 26.23 6.68 -17.34
N GLN B 263 26.43 5.89 -18.39
CA GLN B 263 26.57 6.36 -19.76
C GLN B 263 26.26 5.16 -20.67
N LYS C 3 -15.16 0.63 38.33
CA LYS C 3 -13.70 0.38 38.40
C LYS C 3 -13.31 -0.51 37.21
N TRP C 4 -12.86 0.15 36.14
CA TRP C 4 -11.91 -0.47 35.21
C TRP C 4 -10.63 0.37 35.22
N THR C 5 -9.49 -0.28 35.03
CA THR C 5 -8.17 0.33 35.11
C THR C 5 -7.33 -0.31 34.00
N TYR C 6 -6.09 0.15 33.87
CA TYR C 6 -5.06 -0.48 33.06
C TYR C 6 -4.02 -1.31 33.82
N PHE C 7 -4.23 -1.53 35.11
CA PHE C 7 -3.20 -2.18 35.90
C PHE C 7 -3.89 -2.89 37.06
N GLY C 8 -3.54 -4.15 37.30
CA GLY C 8 -4.10 -4.83 38.50
C GLY C 8 -5.33 -5.62 38.13
N PRO C 9 -6.14 -6.03 39.14
CA PRO C 9 -7.16 -7.05 38.91
C PRO C 9 -8.33 -6.47 38.17
N ASP C 10 -8.40 -5.13 38.03
CA ASP C 10 -9.41 -4.50 37.26
C ASP C 10 -8.92 -4.02 35.84
N GLY C 11 -7.75 -4.56 35.48
CA GLY C 11 -7.10 -4.23 34.21
C GLY C 11 -7.68 -4.96 33.01
N GLU C 12 -7.01 -4.80 31.86
CA GLU C 12 -7.73 -5.02 30.59
C GLU C 12 -8.15 -6.44 30.34
N ASN C 13 -7.50 -7.42 30.93
CA ASN C 13 -7.96 -8.81 30.71
C ASN C 13 -9.25 -9.13 31.42
N SER C 14 -9.60 -8.26 32.38
N SER C 14 -9.64 -8.27 32.35
CA SER C 14 -10.86 -8.38 33.13
CA SER C 14 -10.93 -8.49 33.02
C SER C 14 -11.97 -7.47 32.60
C SER C 14 -11.95 -7.40 32.66
N TRP C 15 -11.66 -6.61 31.62
CA TRP C 15 -12.70 -5.63 31.19
C TRP C 15 -13.92 -6.39 30.69
N SER C 16 -13.73 -7.57 30.06
CA SER C 16 -14.90 -8.27 29.54
C SER C 16 -15.86 -8.74 30.69
N LYS C 17 -15.40 -8.81 31.94
CA LYS C 17 -16.29 -9.21 33.02
C LYS C 17 -17.28 -8.10 33.30
N LYS C 18 -16.91 -6.88 32.91
CA LYS C 18 -17.73 -5.71 33.22
C LYS C 18 -18.45 -5.15 32.01
N TYR C 19 -17.85 -5.35 30.83
CA TYR C 19 -18.31 -4.73 29.56
C TYR C 19 -18.26 -5.81 28.48
N PRO C 20 -19.37 -6.41 28.08
CA PRO C 20 -19.35 -7.59 27.21
C PRO C 20 -18.58 -7.34 25.89
N SER C 21 -18.70 -6.14 25.31
CA SER C 21 -18.06 -5.96 23.99
C SER C 21 -16.55 -6.01 24.08
N CYS C 22 -15.94 -5.82 25.26
CA CYS C 22 -14.45 -5.89 25.39
C CYS C 22 -13.96 -7.29 25.12
N GLY C 23 -14.87 -8.29 25.16
CA GLY C 23 -14.46 -9.67 24.76
C GLY C 23 -15.11 -10.09 23.44
N GLY C 24 -15.61 -9.12 22.72
CA GLY C 24 -16.33 -9.35 21.47
C GLY C 24 -15.47 -9.20 20.23
N LEU C 25 -16.13 -9.00 19.09
CA LEU C 25 -15.43 -8.96 17.84
C LEU C 25 -14.93 -7.56 17.58
N LEU C 26 -14.06 -7.48 16.60
CA LEU C 26 -13.63 -6.19 16.03
C LEU C 26 -12.89 -5.28 16.99
N GLN C 27 -12.18 -5.88 17.92
CA GLN C 27 -11.50 -5.06 18.90
C GLN C 27 -10.24 -4.33 18.36
N SER C 28 -10.02 -3.15 18.93
CA SER C 28 -8.85 -2.40 18.72
C SER C 28 -8.08 -2.16 20.04
N PRO C 29 -6.82 -1.73 19.97
CA PRO C 29 -5.94 -1.46 18.80
C PRO C 29 -5.35 -2.69 18.23
N ILE C 30 -4.58 -2.48 17.16
CA ILE C 30 -3.94 -3.65 16.48
C ILE C 30 -2.53 -3.26 16.09
N ASP C 31 -1.74 -4.29 15.76
CA ASP C 31 -0.45 -4.01 15.19
C ASP C 31 -0.56 -3.99 13.68
N LEU C 32 0.04 -2.94 13.13
CA LEU C 32 -0.09 -2.71 11.68
C LEU C 32 1.17 -3.26 11.06
N HIS C 33 1.09 -4.39 10.36
CA HIS C 33 2.31 -5.04 9.84
C HIS C 33 2.03 -5.53 8.43
N SER C 34 3.07 -5.69 7.59
N SER C 34 3.12 -5.71 7.67
CA SER C 34 2.87 -5.93 6.12
CA SER C 34 3.06 -5.96 6.25
C SER C 34 1.90 -7.02 5.75
C SER C 34 2.05 -6.98 5.78
N ASP C 35 2.02 -8.15 6.44
CA ASP C 35 1.12 -9.34 6.13
C ASP C 35 -0.32 -9.04 6.06
N ILE C 36 -0.79 -8.02 6.81
CA ILE C 36 -2.23 -7.74 6.90
C ILE C 36 -2.62 -6.42 6.24
N LEU C 37 -1.67 -5.78 5.57
CA LEU C 37 -1.96 -4.51 4.84
C LEU C 37 -2.40 -4.78 3.41
N GLN C 38 -3.35 -4.01 2.90
CA GLN C 38 -3.73 -4.12 1.50
C GLN C 38 -3.92 -2.72 0.97
N TYR C 39 -3.18 -2.36 -0.09
CA TYR C 39 -3.40 -1.03 -0.65
C TYR C 39 -4.79 -0.88 -1.22
N ASP C 40 -5.41 0.29 -0.97
CA ASP C 40 -6.71 0.55 -1.48
C ASP C 40 -6.79 1.94 -2.04
N ALA C 41 -6.74 2.02 -3.37
CA ALA C 41 -6.75 3.30 -4.03
C ALA C 41 -8.03 4.14 -3.81
N SER C 42 -9.10 3.51 -3.30
N SER C 42 -9.09 3.53 -3.32
CA SER C 42 -10.34 4.23 -2.94
CA SER C 42 -10.29 4.31 -3.01
C SER C 42 -10.24 5.01 -1.64
C SER C 42 -10.13 5.17 -1.76
N LEU C 43 -9.11 4.90 -0.96
CA LEU C 43 -8.94 5.67 0.28
C LEU C 43 -8.37 7.02 -0.03
N THR C 44 -9.26 7.99 -0.21
CA THR C 44 -8.87 9.32 -0.61
C THR C 44 -8.67 10.24 0.59
N PRO C 45 -8.15 11.45 0.36
CA PRO C 45 -7.86 12.25 1.55
C PRO C 45 -9.10 12.68 2.32
N LEU C 46 -9.00 12.69 3.64
CA LEU C 46 -10.09 13.25 4.47
C LEU C 46 -10.00 14.78 4.35
N GLU C 47 -11.13 15.45 4.44
CA GLU C 47 -11.09 16.90 4.65
C GLU C 47 -11.51 17.22 6.07
N PHE C 48 -10.73 18.07 6.69
CA PHE C 48 -10.90 18.39 8.08
C PHE C 48 -11.54 19.74 8.10
N GLN C 49 -12.85 19.74 8.34
CA GLN C 49 -13.63 21.00 8.27
C GLN C 49 -13.91 21.53 9.66
N GLY C 50 -13.76 22.85 9.84
CA GLY C 50 -14.01 23.42 11.16
C GLY C 50 -12.97 23.07 12.22
N TYR C 51 -11.81 22.60 11.77
CA TYR C 51 -10.76 22.28 12.76
C TYR C 51 -10.04 23.49 13.28
N ASN C 52 -10.17 24.59 12.54
CA ASN C 52 -9.53 25.82 13.03
C ASN C 52 -10.41 26.49 14.04
N LEU C 53 -10.36 26.04 15.28
CA LEU C 53 -11.31 26.44 16.27
C LEU C 53 -11.06 27.89 16.65
N SER C 54 -12.14 28.63 16.87
CA SER C 54 -11.98 30.05 17.12
C SER C 54 -11.10 30.30 18.38
N ALA C 55 -10.05 31.10 18.21
CA ALA C 55 -9.19 31.57 19.34
C ALA C 55 -10.05 32.40 20.34
N ASN C 56 -11.21 32.87 19.89
CA ASN C 56 -12.07 33.59 20.82
C ASN C 56 -12.99 32.71 21.69
N LYS C 57 -12.92 31.37 21.53
CA LYS C 57 -13.76 30.44 22.26
C LYS C 57 -12.79 29.63 23.15
N GLN C 58 -13.39 29.00 24.16
CA GLN C 58 -12.60 28.14 25.06
C GLN C 58 -13.29 26.79 25.08
N PHE C 59 -12.48 25.73 25.18
CA PHE C 59 -12.91 24.34 25.14
C PHE C 59 -12.53 23.63 26.40
N LEU C 60 -13.40 22.78 26.94
CA LEU C 60 -13.18 22.18 28.25
C LEU C 60 -12.20 21.03 28.12
N LEU C 61 -11.16 21.07 28.97
CA LEU C 61 -10.23 19.96 29.14
C LEU C 61 -10.56 19.32 30.46
N THR C 62 -10.70 17.98 30.45
CA THR C 62 -11.18 17.28 31.63
C THR C 62 -10.27 16.08 31.92
N ASN C 63 -9.80 15.95 33.16
CA ASN C 63 -9.25 14.65 33.67
C ASN C 63 -10.45 13.76 34.05
N ASN C 64 -10.70 12.70 33.26
CA ASN C 64 -11.82 11.81 33.60
C ASN C 64 -11.48 10.54 34.39
N GLY C 65 -10.26 10.53 34.93
CA GLY C 65 -9.77 9.41 35.73
C GLY C 65 -9.14 8.29 34.89
N HIS C 66 -9.25 8.37 33.54
CA HIS C 66 -8.70 7.37 32.59
C HIS C 66 -7.85 8.01 31.54
N SER C 67 -8.15 9.29 31.21
CA SER C 67 -7.36 10.01 30.21
C SER C 67 -7.54 11.51 30.51
N VAL C 68 -6.99 12.31 29.60
CA VAL C 68 -7.25 13.75 29.65
C VAL C 68 -7.91 13.99 28.32
N LYS C 69 -9.08 14.61 28.36
CA LYS C 69 -9.84 14.84 27.14
C LYS C 69 -10.15 16.31 26.93
N LEU C 70 -10.20 16.73 25.68
CA LEU C 70 -10.61 18.07 25.30
C LEU C 70 -11.92 17.91 24.51
N ASN C 71 -12.97 18.59 24.96
CA ASN C 71 -14.21 18.56 24.27
C ASN C 71 -14.11 19.36 22.99
N LEU C 72 -14.74 18.90 21.92
CA LEU C 72 -14.61 19.57 20.63
C LEU C 72 -16.05 19.85 20.17
N PRO C 73 -16.20 20.94 19.41
CA PRO C 73 -17.55 21.36 18.99
C PRO C 73 -18.06 20.56 17.80
N SER C 74 -19.40 20.40 17.75
CA SER C 74 -19.90 19.45 16.77
C SER C 74 -19.89 20.04 15.36
N ASP C 75 -19.60 21.36 15.26
CA ASP C 75 -19.39 21.92 13.95
C ASP C 75 -18.11 21.54 13.25
N MET C 76 -17.19 20.95 14.01
CA MET C 76 -15.97 20.38 13.52
C MET C 76 -16.30 18.98 12.95
N HIS C 77 -15.85 18.68 11.76
CA HIS C 77 -16.16 17.35 11.22
C HIS C 77 -15.21 16.88 10.14
N ILE C 78 -15.30 15.58 9.88
CA ILE C 78 -14.64 14.99 8.75
C ILE C 78 -15.63 14.85 7.66
N GLN C 79 -15.15 15.28 6.49
CA GLN C 79 -15.79 15.16 5.21
C GLN C 79 -14.94 14.17 4.37
N GLY C 80 -15.62 13.31 3.61
CA GLY C 80 -14.91 12.35 2.76
C GLY C 80 -15.34 10.91 3.00
N LEU C 81 -16.00 10.69 4.15
CA LEU C 81 -16.55 9.40 4.46
C LEU C 81 -17.98 9.34 3.85
N GLN C 82 -18.61 8.15 3.80
CA GLN C 82 -20.03 8.04 3.27
C GLN C 82 -21.02 8.94 4.06
N SER C 83 -20.79 9.11 5.36
CA SER C 83 -21.58 9.98 6.17
C SER C 83 -20.64 11.08 6.68
N ARG C 84 -21.23 12.18 7.14
CA ARG C 84 -20.49 13.12 7.99
C ARG C 84 -20.26 12.61 9.37
N TYR C 85 -19.00 12.76 9.84
CA TYR C 85 -18.71 12.52 11.20
C TYR C 85 -18.28 13.79 11.93
N SER C 86 -18.96 14.13 13.02
CA SER C 86 -18.74 15.38 13.74
C SER C 86 -17.92 15.10 14.95
N ALA C 87 -16.97 16.01 15.23
CA ALA C 87 -16.11 15.84 16.39
C ALA C 87 -16.87 15.85 17.73
N THR C 88 -16.39 15.07 18.71
CA THR C 88 -16.89 15.14 20.06
C THR C 88 -15.79 15.41 21.08
N GLN C 89 -14.63 14.74 20.97
CA GLN C 89 -13.58 15.03 21.94
C GLN C 89 -12.26 14.50 21.34
N LEU C 90 -11.13 14.94 21.93
CA LEU C 90 -9.88 14.21 21.65
C LEU C 90 -9.25 13.91 22.97
N HIS C 91 -8.33 12.95 22.97
CA HIS C 91 -7.64 12.51 24.19
C HIS C 91 -6.38 11.77 23.79
N LEU C 92 -5.58 11.46 24.81
CA LEU C 92 -4.29 10.78 24.54
C LEU C 92 -4.10 9.53 25.33
N HIS C 93 -3.19 8.72 24.84
CA HIS C 93 -2.72 7.52 25.58
C HIS C 93 -1.20 7.54 25.66
N TRP C 94 -0.64 7.10 26.80
CA TRP C 94 0.83 7.12 26.99
C TRP C 94 1.28 6.03 27.93
N GLY C 95 2.62 6.01 28.07
CA GLY C 95 3.28 5.00 28.83
C GLY C 95 3.71 5.53 30.20
N ASN C 96 5.00 5.32 30.53
CA ASN C 96 5.49 5.84 31.82
C ASN C 96 6.98 6.10 31.67
N PRO C 97 7.57 6.85 32.59
CA PRO C 97 8.95 7.33 32.38
C PRO C 97 9.98 6.17 32.29
N ASN C 98 9.69 5.05 32.93
CA ASN C 98 10.54 3.87 32.89
C ASN C 98 10.41 3.08 31.56
N ASP C 99 9.32 3.27 30.81
CA ASP C 99 9.04 2.59 29.53
C ASP C 99 8.14 3.50 28.71
N PRO C 100 8.76 4.51 28.09
CA PRO C 100 7.99 5.63 27.49
C PRO C 100 7.45 5.22 26.09
N HIS C 101 6.70 4.12 26.05
CA HIS C 101 6.22 3.64 24.78
C HIS C 101 4.78 3.21 24.97
N GLY C 102 3.86 4.18 24.92
CA GLY C 102 2.49 3.93 25.30
C GLY C 102 1.49 4.22 24.15
N SER C 103 1.88 4.17 22.89
CA SER C 103 0.80 4.23 21.81
C SER C 103 -0.07 2.97 21.94
N GLU C 104 -1.22 3.07 21.32
CA GLU C 104 -2.12 1.95 21.31
C GLU C 104 -1.86 1.11 20.10
N HIS C 105 -1.96 1.74 18.93
CA HIS C 105 -1.54 1.03 17.75
C HIS C 105 -0.03 0.94 17.68
N THR C 106 0.43 -0.16 17.12
CA THR C 106 1.88 -0.35 16.89
C THR C 106 2.08 -0.58 15.39
N VAL C 107 3.30 -0.34 14.94
CA VAL C 107 3.66 -0.47 13.49
C VAL C 107 4.82 -1.41 13.42
N SER C 108 4.62 -2.53 12.75
CA SER C 108 5.65 -3.58 12.69
C SER C 108 6.21 -3.92 14.09
N GLY C 109 5.33 -4.03 15.08
CA GLY C 109 5.72 -4.39 16.44
C GLY C 109 6.15 -3.22 17.32
N GLN C 110 6.41 -2.06 16.69
CA GLN C 110 7.01 -0.86 17.38
C GLN C 110 5.92 -0.06 18.08
N HIS C 111 6.02 0.17 19.38
CA HIS C 111 5.11 1.10 20.08
C HIS C 111 5.74 2.42 19.93
N PHE C 112 4.98 3.44 19.50
CA PHE C 112 5.37 4.81 19.64
C PHE C 112 5.21 5.32 21.07
N ALA C 113 5.70 6.54 21.34
CA ALA C 113 5.71 7.09 22.69
C ALA C 113 4.31 7.31 23.27
N ALA C 114 3.41 7.76 22.37
CA ALA C 114 2.04 8.07 22.77
C ALA C 114 1.12 8.08 21.56
N GLU C 115 -0.19 8.34 21.77
CA GLU C 115 -1.10 8.35 20.68
C GLU C 115 -2.22 9.34 20.96
N LEU C 116 -2.62 10.11 19.96
CA LEU C 116 -3.73 11.05 20.03
C LEU C 116 -4.91 10.47 19.28
N HIS C 117 -6.08 10.60 19.89
CA HIS C 117 -7.30 10.09 19.22
C HIS C 117 -8.24 11.25 19.12
N ILE C 118 -8.78 11.48 17.93
CA ILE C 118 -9.79 12.59 17.81
C ILE C 118 -11.06 11.85 17.44
N VAL C 119 -12.03 11.83 18.34
CA VAL C 119 -13.23 11.02 18.19
C VAL C 119 -14.36 11.82 17.56
N HIS C 120 -15.00 11.20 16.57
CA HIS C 120 -16.10 11.86 15.86
C HIS C 120 -17.27 10.82 15.88
N TYR C 121 -18.51 11.31 15.68
CA TYR C 121 -19.64 10.42 15.66
C TYR C 121 -20.42 10.71 14.36
N ASN C 122 -21.22 9.74 13.92
CA ASN C 122 -21.93 9.86 12.65
C ASN C 122 -23.15 10.75 12.92
N SER C 123 -23.05 12.03 12.52
CA SER C 123 -24.08 13.03 12.83
C SER C 123 -25.17 13.01 11.72
N ASP C 124 -24.93 12.27 10.65
CA ASP C 124 -26.01 12.04 9.62
C ASP C 124 -27.01 10.98 10.13
N LEU C 125 -26.52 10.00 10.92
CA LEU C 125 -27.39 8.95 11.43
C LEU C 125 -27.88 9.17 12.84
N TYR C 126 -27.10 9.89 13.67
CA TYR C 126 -27.35 9.99 15.10
C TYR C 126 -27.30 11.40 15.63
N PRO C 127 -28.03 11.69 16.73
CA PRO C 127 -28.09 13.08 17.19
C PRO C 127 -26.90 13.52 17.99
N ASP C 128 -26.16 12.59 18.60
CA ASP C 128 -25.00 12.97 19.41
C ASP C 128 -24.10 11.76 19.58
N ALA C 129 -22.92 11.96 20.16
CA ALA C 129 -21.91 10.86 20.26
C ALA C 129 -22.35 9.68 21.17
N SER C 130 -22.98 10.02 22.31
CA SER C 130 -23.46 9.00 23.28
C SER C 130 -24.42 8.05 22.59
N THR C 131 -25.39 8.58 21.88
CA THR C 131 -26.30 7.75 21.12
C THR C 131 -25.64 6.96 19.97
N ALA C 132 -24.73 7.60 19.24
CA ALA C 132 -24.04 6.90 18.14
C ALA C 132 -23.13 5.74 18.66
N SER C 133 -22.65 5.88 19.90
CA SER C 133 -21.43 5.13 20.36
C SER C 133 -21.66 3.65 20.27
N ASN C 134 -22.92 3.22 20.45
CA ASN C 134 -23.21 1.79 20.43
C ASN C 134 -23.96 1.33 19.21
N LYS C 135 -23.96 2.13 18.14
CA LYS C 135 -24.76 1.86 16.99
C LYS C 135 -23.90 1.72 15.73
N SER C 136 -24.47 1.06 14.74
CA SER C 136 -23.82 0.71 13.52
C SER C 136 -23.24 1.96 12.89
N GLU C 137 -22.01 1.88 12.40
CA GLU C 137 -21.33 3.03 11.84
C GLU C 137 -21.28 4.29 12.73
N GLY C 138 -21.33 4.09 14.04
CA GLY C 138 -21.52 5.24 14.94
C GLY C 138 -20.37 6.19 15.05
N LEU C 139 -19.15 5.66 14.95
CA LEU C 139 -17.96 6.41 15.34
C LEU C 139 -16.89 6.36 14.31
N ALA C 140 -16.10 7.44 14.26
CA ALA C 140 -14.89 7.46 13.50
C ALA C 140 -13.79 8.20 14.30
N VAL C 141 -12.65 7.50 14.45
CA VAL C 141 -11.59 8.02 15.27
C VAL C 141 -10.38 8.23 14.37
N LEU C 142 -9.81 9.41 14.47
CA LEU C 142 -8.50 9.66 13.84
C LEU C 142 -7.34 9.45 14.88
N ALA C 143 -6.34 8.68 14.52
CA ALA C 143 -5.25 8.39 15.42
C ALA C 143 -3.96 8.97 14.89
N VAL C 144 -3.28 9.70 15.75
CA VAL C 144 -1.91 10.23 15.46
C VAL C 144 -0.90 9.56 16.34
N LEU C 145 0.06 8.88 15.72
CA LEU C 145 1.17 8.26 16.49
C LEU C 145 2.14 9.36 16.90
N ILE C 146 2.59 9.34 18.16
CA ILE C 146 3.47 10.35 18.75
C ILE C 146 4.86 9.79 19.11
N GLU C 147 5.90 10.41 18.58
CA GLU C 147 7.24 9.89 18.92
C GLU C 147 7.97 10.99 19.66
N MET C 148 8.96 10.60 20.47
CA MET C 148 9.72 11.62 21.18
C MET C 148 10.75 12.22 20.20
N GLY C 149 10.77 13.55 20.17
CA GLY C 149 11.72 14.19 19.25
C GLY C 149 11.69 15.71 19.51
N SER C 150 11.30 16.44 18.47
CA SER C 150 11.23 17.91 18.58
C SER C 150 10.07 18.38 19.45
N PHE C 151 10.32 19.43 20.17
CA PHE C 151 9.24 20.18 20.85
C PHE C 151 8.13 20.51 19.88
N ASN C 152 6.88 20.36 20.34
CA ASN C 152 5.74 20.65 19.45
C ASN C 152 4.83 21.74 20.12
N PRO C 153 4.92 22.95 19.61
CA PRO C 153 4.17 24.06 20.17
C PRO C 153 2.68 23.77 20.11
N SER C 154 2.20 23.08 19.06
CA SER C 154 0.75 22.87 18.96
C SER C 154 0.24 21.92 20.04
N TYR C 155 0.92 20.78 20.27
CA TYR C 155 0.54 19.93 21.41
C TYR C 155 0.71 20.68 22.70
N ASP C 156 1.66 21.67 22.79
CA ASP C 156 1.76 22.38 24.05
C ASP C 156 0.53 23.25 24.36
N LYS C 157 -0.24 23.53 23.32
CA LYS C 157 -1.50 24.29 23.55
C LYS C 157 -2.40 23.45 24.46
N ILE C 158 -2.33 22.10 24.42
CA ILE C 158 -3.00 21.26 25.42
C ILE C 158 -2.11 21.03 26.69
N PHE C 159 -0.85 20.64 26.46
CA PHE C 159 -0.01 20.16 27.55
C PHE C 159 0.27 21.20 28.60
N SER C 160 0.23 22.45 28.20
CA SER C 160 0.54 23.53 29.21
C SER C 160 -0.59 23.69 30.24
N HIS C 161 -1.72 23.04 30.04
CA HIS C 161 -2.79 23.04 31.04
C HIS C 161 -2.82 21.83 31.93
N LEU C 162 -1.91 20.86 31.66
CA LEU C 162 -1.94 19.65 32.47
C LEU C 162 -1.80 19.77 33.99
N GLN C 163 -1.00 20.70 34.48
CA GLN C 163 -0.83 20.89 35.93
C GLN C 163 -2.07 21.50 36.57
N HIS C 164 -3.12 21.76 35.77
CA HIS C 164 -4.35 22.27 36.30
C HIS C 164 -5.53 21.33 36.17
N VAL C 165 -5.27 20.12 35.69
CA VAL C 165 -6.24 19.04 35.71
C VAL C 165 -5.55 17.78 36.18
N LYS C 166 -4.72 17.94 37.20
CA LYS C 166 -3.93 16.83 37.78
C LYS C 166 -4.87 15.73 38.32
N TYR C 167 -6.08 16.03 38.83
CA TYR C 167 -6.80 14.95 39.50
C TYR C 167 -8.13 14.74 38.81
N LYS C 168 -8.68 13.54 39.04
CA LYS C 168 -9.96 13.13 38.49
C LYS C 168 -11.04 14.18 38.72
N GLY C 169 -11.75 14.52 37.66
CA GLY C 169 -12.90 15.45 37.73
C GLY C 169 -12.46 16.87 37.49
N GLN C 170 -11.15 17.11 37.53
CA GLN C 170 -10.72 18.53 37.31
C GLN C 170 -10.82 18.97 35.87
N GLU C 171 -11.11 20.24 35.67
CA GLU C 171 -11.38 20.81 34.35
C GLU C 171 -10.61 22.11 34.19
N ALA C 172 -10.19 22.36 32.96
CA ALA C 172 -9.61 23.63 32.60
C ALA C 172 -10.11 24.08 31.26
N PHE C 173 -9.97 25.38 30.97
CA PHE C 173 -10.27 25.80 29.65
C PHE C 173 -9.03 25.96 28.76
N VAL C 174 -9.17 25.55 27.50
CA VAL C 174 -8.11 25.71 26.51
C VAL C 174 -8.69 26.60 25.42
N PRO C 175 -8.01 27.75 25.13
CA PRO C 175 -8.49 28.56 24.03
C PRO C 175 -8.41 27.84 22.72
N GLY C 176 -9.37 28.12 21.82
CA GLY C 176 -9.39 27.52 20.51
C GLY C 176 -8.06 27.67 19.76
N PHE C 177 -7.68 26.61 19.06
CA PHE C 177 -6.57 26.65 18.14
C PHE C 177 -6.84 25.66 17.02
N ASN C 178 -6.00 25.63 16.01
CA ASN C 178 -6.30 24.83 14.87
C ASN C 178 -5.85 23.39 15.14
N ILE C 179 -6.83 22.51 15.32
CA ILE C 179 -6.59 21.09 15.63
C ILE C 179 -5.81 20.41 14.54
N GLU C 180 -5.83 20.94 13.30
CA GLU C 180 -5.07 20.35 12.21
C GLU C 180 -3.58 20.40 12.54
N GLU C 181 -3.17 21.34 13.35
CA GLU C 181 -1.78 21.47 13.82
C GLU C 181 -1.35 20.20 14.57
N LEU C 182 -2.32 19.43 15.05
CA LEU C 182 -1.94 18.21 15.79
C LEU C 182 -1.71 17.01 14.84
N LEU C 183 -2.01 17.14 13.55
CA LEU C 183 -1.96 16.04 12.59
C LEU C 183 -0.57 16.05 12.00
N PRO C 184 -0.11 14.91 11.54
CA PRO C 184 1.17 14.75 10.96
C PRO C 184 1.22 15.23 9.53
N GLU C 185 2.42 15.06 9.00
CA GLU C 185 2.67 15.33 7.60
C GLU C 185 1.96 14.27 6.79
N ARG C 186 1.51 14.72 5.61
CA ARG C 186 1.00 13.79 4.59
C ARG C 186 -0.18 13.02 5.13
N THR C 187 -1.17 13.78 5.62
CA THR C 187 -2.35 13.07 6.16
C THR C 187 -3.04 12.24 5.11
N ALA C 188 -2.71 12.41 3.81
CA ALA C 188 -3.41 11.60 2.81
C ALA C 188 -2.95 10.14 2.94
N GLU C 189 -1.81 9.90 3.63
CA GLU C 189 -1.29 8.53 3.82
C GLU C 189 -1.78 8.02 5.20
N TYR C 190 -2.55 6.94 5.13
CA TYR C 190 -3.13 6.37 6.41
C TYR C 190 -3.45 4.91 6.24
N TYR C 191 -3.68 4.30 7.42
CA TYR C 191 -4.26 3.00 7.51
C TYR C 191 -5.70 3.12 7.90
N ARG C 192 -6.53 2.25 7.35
CA ARG C 192 -7.96 2.29 7.64
C ARG C 192 -8.48 0.90 7.99
N TYR C 193 -9.25 0.75 9.05
CA TYR C 193 -9.85 -0.58 9.34
C TYR C 193 -11.03 -0.41 10.25
N ARG C 194 -11.92 -1.40 10.28
CA ARG C 194 -13.06 -1.30 11.20
C ARG C 194 -12.72 -1.95 12.54
N GLY C 195 -12.92 -1.18 13.62
CA GLY C 195 -12.61 -1.75 14.92
C GLY C 195 -13.51 -1.18 16.02
N SER C 196 -12.92 -0.88 17.15
CA SER C 196 -13.76 -0.69 18.37
C SER C 196 -13.16 0.46 19.15
N LEU C 197 -13.88 0.91 20.16
CA LEU C 197 -13.31 1.80 21.17
C LEU C 197 -12.24 0.98 21.85
N THR C 198 -11.15 1.61 22.22
CA THR C 198 -10.07 0.88 22.92
C THR C 198 -10.17 0.96 24.44
N THR C 199 -11.25 1.56 24.93
CA THR C 199 -11.59 1.55 26.36
C THR C 199 -13.00 1.01 26.50
N PRO C 200 -13.34 0.48 27.73
CA PRO C 200 -14.76 0.15 28.02
C PRO C 200 -15.64 1.34 27.60
N PRO C 201 -16.79 1.06 26.98
CA PRO C 201 -17.34 -0.27 26.79
C PRO C 201 -16.88 -1.02 25.60
N CYS C 202 -15.80 -0.56 24.90
CA CYS C 202 -15.21 -1.31 23.75
C CYS C 202 -16.17 -1.60 22.57
N ASN C 203 -17.16 -0.73 22.37
CA ASN C 203 -18.12 -0.97 21.29
C ASN C 203 -17.42 -1.13 19.94
N PRO C 204 -17.82 -2.12 19.12
CA PRO C 204 -17.15 -2.39 17.86
C PRO C 204 -17.80 -1.51 16.77
N THR C 205 -17.75 -0.21 17.00
CA THR C 205 -18.50 0.74 16.17
C THR C 205 -17.58 1.83 15.54
N VAL C 206 -16.26 1.63 15.63
CA VAL C 206 -15.31 2.65 15.20
C VAL C 206 -14.68 2.39 13.82
N LEU C 207 -14.79 3.35 12.93
CA LEU C 207 -14.05 3.27 11.68
C LEU C 207 -12.74 3.99 12.04
N TRP C 208 -11.62 3.27 12.10
CA TRP C 208 -10.29 3.86 12.45
C TRP C 208 -9.54 4.34 11.22
N THR C 209 -8.94 5.51 11.39
CA THR C 209 -7.94 6.09 10.39
C THR C 209 -6.71 6.38 11.21
N VAL C 210 -5.66 5.58 11.02
CA VAL C 210 -4.38 5.83 11.73
C VAL C 210 -3.40 6.48 10.70
N PHE C 211 -2.95 7.72 10.98
CA PHE C 211 -2.08 8.36 9.96
C PHE C 211 -0.77 7.59 9.91
N ARG C 212 -0.22 7.50 8.72
CA ARG C 212 1.04 6.76 8.58
C ARG C 212 2.22 7.37 9.31
N ASN C 213 2.26 8.74 9.33
CA ASN C 213 3.47 9.40 9.84
C ASN C 213 3.22 9.89 11.20
N PRO C 214 4.19 9.75 12.10
N PRO C 214 4.13 9.64 12.17
CA PRO C 214 4.00 10.20 13.45
CA PRO C 214 3.98 10.19 13.49
C PRO C 214 4.17 11.72 13.51
C PRO C 214 4.36 11.68 13.60
N VAL C 215 3.87 12.29 14.66
CA VAL C 215 4.34 13.63 15.01
C VAL C 215 5.36 13.49 16.12
N GLN C 216 6.13 14.58 16.39
CA GLN C 216 7.09 14.56 17.45
C GLN C 216 6.66 15.49 18.55
N ILE C 217 6.87 15.08 19.78
CA ILE C 217 6.82 15.99 20.96
C ILE C 217 8.17 15.85 21.72
N SER C 218 8.54 16.83 22.51
CA SER C 218 9.87 16.72 23.13
C SER C 218 9.91 15.73 24.27
N GLN C 219 11.13 15.41 24.69
CA GLN C 219 11.32 14.62 25.91
C GLN C 219 10.62 15.25 27.10
N GLU C 220 10.69 16.57 27.23
CA GLU C 220 10.03 17.23 28.35
C GLU C 220 8.52 17.24 28.27
N GLN C 221 8.00 17.41 27.07
CA GLN C 221 6.51 17.30 26.89
C GLN C 221 6.04 15.90 27.22
N LEU C 222 6.76 14.89 26.74
CA LEU C 222 6.36 13.53 26.99
C LEU C 222 6.43 13.23 28.48
N LEU C 223 7.53 13.65 29.20
CA LEU C 223 7.59 13.36 30.63
C LEU C 223 6.50 14.13 31.37
N ALA C 224 6.14 15.37 30.96
CA ALA C 224 4.99 16.02 31.56
C ALA C 224 3.72 15.24 31.37
N LEU C 225 3.47 14.77 30.17
CA LEU C 225 2.30 13.98 29.92
C LEU C 225 2.24 12.77 30.86
N GLU C 226 3.38 12.11 31.05
CA GLU C 226 3.42 10.88 31.81
C GLU C 226 3.36 11.10 33.34
N THR C 227 3.67 12.31 33.83
CA THR C 227 3.85 12.49 35.24
C THR C 227 2.85 13.52 35.80
N ALA C 228 2.13 14.19 34.93
CA ALA C 228 1.28 15.30 35.39
C ALA C 228 0.04 14.83 36.10
N LEU C 229 -0.54 13.70 35.63
CA LEU C 229 -1.91 13.32 35.98
C LEU C 229 -2.08 12.10 36.85
N TYR C 230 -3.14 12.18 37.70
CA TYR C 230 -3.59 11.07 38.55
C TYR C 230 -4.95 10.58 38.08
N CYS C 231 -5.19 9.28 38.33
CA CYS C 231 -6.48 8.67 38.04
C CYS C 231 -7.49 8.97 39.12
N THR C 232 -6.98 9.38 40.26
CA THR C 232 -7.78 9.58 41.47
C THR C 232 -8.11 11.06 41.77
N HIS C 233 -9.13 11.21 42.62
CA HIS C 233 -9.54 12.53 43.10
C HIS C 233 -8.46 13.09 43.99
N MET C 234 -8.45 14.40 44.12
CA MET C 234 -7.49 15.14 44.95
C MET C 234 -7.50 14.65 46.42
N ASP C 235 -8.67 14.23 46.92
CA ASP C 235 -8.82 13.73 48.34
C ASP C 235 -8.52 12.22 48.61
N ASP C 236 -7.91 11.52 47.64
CA ASP C 236 -7.98 10.04 47.59
C ASP C 236 -6.86 9.35 48.39
N PRO C 237 -7.21 8.50 49.39
CA PRO C 237 -6.23 7.80 50.27
C PRO C 237 -5.45 6.62 49.60
N SER C 238 -5.87 6.25 48.38
CA SER C 238 -5.13 5.29 47.55
C SER C 238 -4.89 5.97 46.14
N PRO C 239 -3.97 6.96 46.05
CA PRO C 239 -3.77 7.70 44.76
C PRO C 239 -3.12 6.83 43.72
N ARG C 240 -3.39 7.08 42.43
CA ARG C 240 -2.92 6.17 41.42
C ARG C 240 -2.50 7.10 40.28
N GLU C 241 -1.24 7.02 39.88
CA GLU C 241 -0.77 7.81 38.72
C GLU C 241 -1.44 7.35 37.43
N MET C 242 -1.77 8.34 36.61
CA MET C 242 -2.30 8.05 35.29
C MET C 242 -1.15 7.81 34.34
N ILE C 243 -0.79 6.51 34.27
CA ILE C 243 0.31 6.02 33.40
C ILE C 243 -0.16 4.77 32.71
N ASN C 244 0.51 4.46 31.61
CA ASN C 244 0.32 3.20 30.84
C ASN C 244 -1.19 3.02 30.53
N ASN C 245 -1.83 4.12 30.16
CA ASN C 245 -3.27 4.07 29.83
C ASN C 245 -3.44 3.75 28.33
N PHE C 246 -2.90 2.60 27.89
CA PHE C 246 -3.06 2.16 26.54
C PHE C 246 -3.47 0.66 26.64
N ARG C 247 -4.30 0.24 25.70
CA ARG C 247 -4.62 -1.20 25.63
C ARG C 247 -3.57 -1.98 24.81
N GLN C 248 -3.29 -3.20 25.24
CA GLN C 248 -2.50 -4.06 24.37
C GLN C 248 -3.17 -4.28 23.05
N VAL C 249 -2.33 -4.55 22.06
CA VAL C 249 -2.91 -4.87 20.73
C VAL C 249 -3.68 -6.20 20.74
N GLN C 250 -4.69 -6.28 19.88
CA GLN C 250 -5.67 -7.37 19.89
C GLN C 250 -5.33 -8.33 18.73
N LYS C 251 -5.82 -9.57 18.83
CA LYS C 251 -5.83 -10.45 17.67
C LYS C 251 -6.49 -9.81 16.45
N PHE C 252 -5.93 -10.11 15.28
CA PHE C 252 -6.54 -9.57 14.03
C PHE C 252 -6.31 -10.59 12.93
N ASP C 253 -7.21 -11.55 12.85
CA ASP C 253 -7.05 -12.70 11.90
C ASP C 253 -8.20 -12.71 10.93
N GLU C 254 -7.91 -13.15 9.70
CA GLU C 254 -8.85 -13.25 8.54
C GLU C 254 -9.35 -11.84 8.15
N ARG C 255 -8.59 -10.82 8.48
CA ARG C 255 -9.01 -9.43 8.27
C ARG C 255 -7.87 -8.60 7.80
N LEU C 256 -8.15 -7.48 7.13
CA LEU C 256 -7.08 -6.69 6.59
C LEU C 256 -7.20 -5.23 7.03
N VAL C 257 -6.04 -4.55 6.99
CA VAL C 257 -6.00 -3.10 7.19
C VAL C 257 -5.77 -2.57 5.78
N TYR C 258 -6.56 -1.58 5.41
CA TYR C 258 -6.41 -1.02 4.05
C TYR C 258 -5.52 0.20 4.13
N THR C 259 -4.69 0.44 3.12
CA THR C 259 -3.77 1.55 3.22
C THR C 259 -3.93 2.50 2.01
N SER C 260 -3.82 3.79 2.24
CA SER C 260 -3.89 4.71 1.08
C SER C 260 -2.52 4.90 0.46
N PHE C 261 -1.49 4.23 0.98
CA PHE C 261 -0.13 4.31 0.47
C PHE C 261 0.27 2.87 0.16
N SER C 262 1.26 2.70 -0.72
CA SER C 262 1.75 1.34 -1.04
C SER C 262 3.13 1.31 -0.44
N GLN C 263 3.12 0.41 0.56
CA GLN C 263 4.28 0.02 1.37
C GLN C 263 5.25 -0.86 0.58
N LYS D 3 -14.96 -24.03 28.40
CA LYS D 3 -14.70 -23.75 26.94
C LYS D 3 -13.84 -22.50 26.87
N TRP D 4 -12.64 -22.62 26.31
CA TRP D 4 -11.89 -21.47 25.93
C TRP D 4 -11.30 -21.66 24.56
N THR D 5 -11.04 -20.56 23.87
CA THR D 5 -10.44 -20.56 22.53
C THR D 5 -9.49 -19.41 22.35
N TYR D 6 -8.92 -19.25 21.13
CA TYR D 6 -8.11 -18.14 20.82
C TYR D 6 -8.85 -17.21 19.85
N PHE D 7 -10.12 -17.50 19.61
CA PHE D 7 -10.83 -16.72 18.60
C PHE D 7 -12.29 -16.62 18.91
N GLY D 8 -12.84 -15.40 18.86
CA GLY D 8 -14.26 -15.16 19.01
C GLY D 8 -14.68 -14.94 20.47
N PRO D 9 -15.96 -15.23 20.80
CA PRO D 9 -16.59 -14.97 22.10
C PRO D 9 -15.86 -15.57 23.28
N ASP D 10 -15.18 -16.72 23.06
CA ASP D 10 -14.58 -17.39 24.16
C ASP D 10 -13.01 -17.22 24.11
N GLY D 11 -12.55 -16.23 23.33
CA GLY D 11 -11.12 -16.03 23.19
C GLY D 11 -10.55 -15.26 24.40
N GLU D 12 -9.30 -14.84 24.21
CA GLU D 12 -8.47 -14.56 25.34
C GLU D 12 -8.92 -13.42 26.21
N ASN D 13 -9.62 -12.44 25.66
CA ASN D 13 -10.10 -11.38 26.56
C ASN D 13 -11.20 -11.87 27.51
N SER D 14 -11.81 -13.01 27.23
CA SER D 14 -12.86 -13.60 28.09
C SER D 14 -12.37 -14.73 28.95
N TRP D 15 -11.08 -15.12 28.88
CA TRP D 15 -10.62 -16.24 29.73
C TRP D 15 -10.79 -15.94 31.23
N SER D 16 -10.63 -14.65 31.62
CA SER D 16 -10.73 -14.27 33.02
C SER D 16 -12.13 -14.49 33.63
N LYS D 17 -13.17 -14.68 32.78
CA LYS D 17 -14.52 -14.90 33.38
C LYS D 17 -14.51 -16.18 34.14
N LYS D 18 -14.00 -17.23 33.52
CA LYS D 18 -14.01 -18.56 34.20
C LYS D 18 -12.68 -18.96 34.85
N TYR D 19 -11.58 -18.28 34.47
CA TYR D 19 -10.23 -18.60 34.99
C TYR D 19 -9.64 -17.26 35.47
N PRO D 20 -9.94 -16.85 36.68
CA PRO D 20 -9.62 -15.52 37.14
C PRO D 20 -8.13 -15.20 37.06
N SER D 21 -7.25 -16.22 37.13
CA SER D 21 -5.82 -15.89 37.13
C SER D 21 -5.42 -15.35 35.79
N CYS D 22 -6.25 -15.60 34.75
CA CYS D 22 -5.93 -14.96 33.43
C CYS D 22 -6.04 -13.47 33.46
N GLY D 23 -6.69 -12.92 34.51
CA GLY D 23 -6.69 -11.46 34.70
C GLY D 23 -5.88 -11.00 35.90
N GLY D 24 -5.07 -11.92 36.39
CA GLY D 24 -4.27 -11.75 37.60
C GLY D 24 -2.87 -11.27 37.37
N LEU D 25 -2.02 -11.54 38.36
CA LEU D 25 -0.65 -11.13 38.38
C LEU D 25 0.26 -12.00 37.51
N LEU D 26 1.42 -11.42 37.17
CA LEU D 26 2.52 -12.12 36.56
C LEU D 26 2.13 -12.82 35.23
N GLN D 27 1.28 -12.24 34.42
CA GLN D 27 0.90 -12.98 33.18
C GLN D 27 1.96 -12.94 32.08
N SER D 28 1.96 -14.05 31.34
CA SER D 28 2.84 -14.30 30.19
C SER D 28 1.93 -14.50 28.97
N PRO D 29 2.48 -14.33 27.76
CA PRO D 29 3.84 -14.00 27.44
C PRO D 29 4.08 -12.47 27.43
N ILE D 30 5.29 -12.07 27.16
CA ILE D 30 5.64 -10.66 27.16
C ILE D 30 6.51 -10.34 25.96
N ASP D 31 6.60 -9.05 25.68
CA ASP D 31 7.63 -8.52 24.73
C ASP D 31 8.93 -8.29 25.49
N LEU D 32 9.96 -8.94 24.96
CA LEU D 32 11.30 -8.81 25.55
C LEU D 32 11.98 -7.67 24.80
N HIS D 33 12.12 -6.55 25.51
CA HIS D 33 12.63 -5.31 24.99
C HIS D 33 13.49 -4.61 25.97
N SER D 34 14.38 -3.78 25.45
CA SER D 34 15.49 -3.27 26.28
C SER D 34 15.06 -2.59 27.58
N ASP D 35 13.97 -1.78 27.56
CA ASP D 35 13.54 -1.04 28.76
C ASP D 35 13.29 -1.90 29.99
N ILE D 36 13.10 -3.21 29.81
CA ILE D 36 12.66 -4.10 30.90
C ILE D 36 13.68 -5.21 31.14
N LEU D 37 14.81 -5.11 30.45
CA LEU D 37 15.87 -6.19 30.57
C LEU D 37 16.93 -5.74 31.57
N GLN D 38 17.50 -6.70 32.32
CA GLN D 38 18.64 -6.33 33.19
C GLN D 38 19.57 -7.57 33.19
N TYR D 39 20.85 -7.35 32.90
CA TYR D 39 21.85 -8.43 33.00
C TYR D 39 22.00 -8.90 34.45
N ASP D 40 22.02 -10.21 34.59
CA ASP D 40 22.14 -10.82 35.90
C ASP D 40 23.28 -11.83 35.83
N ALA D 41 24.42 -11.43 36.37
CA ALA D 41 25.60 -12.28 36.28
C ALA D 41 25.57 -13.58 37.02
N SER D 42 24.61 -13.69 37.93
CA SER D 42 24.50 -14.92 38.72
C SER D 42 23.71 -16.03 37.96
N LEU D 43 23.12 -15.72 36.78
CA LEU D 43 22.35 -16.74 36.04
C LEU D 43 23.40 -17.69 35.48
N THR D 44 23.13 -18.98 35.60
CA THR D 44 24.10 -19.95 35.16
C THR D 44 23.46 -20.77 34.08
N PRO D 45 24.29 -21.46 33.32
CA PRO D 45 23.68 -22.19 32.22
C PRO D 45 22.89 -23.39 32.75
N LEU D 46 21.81 -23.73 32.07
CA LEU D 46 21.05 -24.85 32.45
C LEU D 46 21.74 -26.06 31.89
N GLU D 47 21.54 -27.15 32.60
CA GLU D 47 21.95 -28.45 32.09
C GLU D 47 20.71 -29.29 31.84
N PHE D 48 20.71 -30.02 30.71
CA PHE D 48 19.52 -30.79 30.33
C PHE D 48 19.83 -32.28 30.48
N GLN D 49 19.21 -32.87 31.47
CA GLN D 49 19.51 -34.26 31.83
C GLN D 49 18.38 -35.18 31.42
N GLY D 50 18.74 -36.33 30.84
CA GLY D 50 17.67 -37.24 30.47
C GLY D 50 16.87 -36.86 29.24
N TYR D 51 17.36 -35.87 28.49
CA TYR D 51 16.66 -35.37 27.30
C TYR D 51 16.77 -36.35 26.13
N ASN D 52 17.80 -37.20 26.16
CA ASN D 52 17.95 -38.18 25.10
C ASN D 52 17.09 -39.38 25.39
N LEU D 53 15.80 -39.27 25.07
CA LEU D 53 14.79 -40.27 25.42
C LEU D 53 15.11 -41.58 24.62
N SER D 54 14.93 -42.67 25.33
CA SER D 54 15.27 -43.96 24.72
C SER D 54 14.40 -44.15 23.49
N ALA D 55 15.02 -44.55 22.38
CA ALA D 55 14.24 -44.79 21.15
C ALA D 55 13.36 -46.08 21.23
N ASN D 56 13.62 -46.95 22.23
CA ASN D 56 12.74 -48.08 22.57
C ASN D 56 11.50 -47.83 23.41
N LYS D 57 11.40 -46.59 23.94
CA LYS D 57 10.22 -46.22 24.69
C LYS D 57 9.39 -45.36 23.73
N GLN D 58 8.17 -45.11 24.15
CA GLN D 58 7.33 -44.26 23.31
C GLN D 58 6.64 -43.28 24.18
N PHE D 59 6.29 -42.13 23.53
CA PHE D 59 5.77 -40.96 24.25
C PHE D 59 4.50 -40.51 23.60
N LEU D 60 3.50 -40.25 24.40
CA LEU D 60 2.19 -39.98 23.79
C LEU D 60 2.03 -38.56 23.19
N LEU D 61 1.68 -38.49 21.89
CA LEU D 61 1.40 -37.21 21.21
C LEU D 61 -0.15 -37.00 21.27
N THR D 62 -0.64 -35.83 21.75
CA THR D 62 -2.07 -35.65 21.96
C THR D 62 -2.47 -34.31 21.36
N ASN D 63 -3.55 -34.29 20.59
CA ASN D 63 -4.19 -33.00 20.25
C ASN D 63 -5.23 -32.77 21.36
N ASN D 64 -5.02 -31.74 22.20
CA ASN D 64 -5.93 -31.49 23.28
C ASN D 64 -7.01 -30.48 22.95
N GLY D 65 -7.08 -30.13 21.69
CA GLY D 65 -8.07 -29.08 21.28
C GLY D 65 -7.50 -27.68 21.25
N HIS D 66 -6.36 -27.48 21.90
CA HIS D 66 -5.70 -26.14 22.02
C HIS D 66 -4.29 -26.12 21.51
N SER D 67 -3.56 -27.26 21.53
N SER D 67 -3.58 -27.27 21.51
CA SER D 67 -2.22 -27.39 20.89
CA SER D 67 -2.27 -27.38 20.84
C SER D 67 -2.00 -28.86 20.54
C SER D 67 -1.95 -28.85 20.73
N VAL D 68 -0.77 -29.19 20.24
CA VAL D 68 -0.41 -30.59 20.15
C VAL D 68 0.66 -30.70 21.21
N LYS D 69 0.51 -31.71 22.05
CA LYS D 69 1.51 -31.88 23.10
C LYS D 69 2.11 -33.26 23.04
N LEU D 70 3.38 -33.33 23.40
CA LEU D 70 4.04 -34.60 23.54
C LEU D 70 4.30 -34.79 25.02
N ASN D 71 3.83 -35.90 25.59
CA ASN D 71 4.12 -36.18 27.01
C ASN D 71 5.59 -36.57 27.18
N LEU D 72 6.21 -36.07 28.23
CA LEU D 72 7.59 -36.29 28.51
C LEU D 72 7.72 -36.96 29.88
N PRO D 73 8.79 -37.76 30.07
CA PRO D 73 8.91 -38.51 31.32
C PRO D 73 9.62 -37.67 32.42
N SER D 74 9.32 -37.97 33.70
CA SER D 74 9.86 -37.19 34.80
C SER D 74 11.33 -37.46 35.02
N ASP D 75 11.88 -38.51 34.40
CA ASP D 75 13.35 -38.68 34.45
C ASP D 75 14.10 -37.72 33.57
N MET D 76 13.37 -36.90 32.83
CA MET D 76 14.01 -35.84 32.10
C MET D 76 13.96 -34.58 33.07
N HIS D 77 15.11 -33.88 33.27
CA HIS D 77 15.25 -32.87 34.33
C HIS D 77 16.04 -31.69 33.82
N ILE D 78 15.79 -30.49 34.34
N ILE D 78 15.77 -30.49 34.36
CA ILE D 78 16.80 -29.46 34.17
CA ILE D 78 16.69 -29.36 34.28
C ILE D 78 17.51 -29.20 35.48
C ILE D 78 17.52 -29.26 35.53
N GLN D 79 18.81 -28.98 35.35
CA GLN D 79 19.66 -28.60 36.48
C GLN D 79 20.12 -27.18 36.27
N GLY D 80 20.32 -26.42 37.36
CA GLY D 80 20.73 -25.03 37.27
C GLY D 80 19.73 -24.03 37.79
N LEU D 81 18.55 -24.54 38.15
CA LEU D 81 17.63 -23.71 38.88
C LEU D 81 17.78 -24.05 40.36
N GLN D 82 17.13 -23.30 41.22
CA GLN D 82 17.37 -23.61 42.61
C GLN D 82 16.77 -24.94 43.10
N SER D 83 15.69 -25.40 42.43
CA SER D 83 15.15 -26.73 42.67
C SER D 83 15.31 -27.48 41.36
N ARG D 84 15.28 -28.80 41.45
CA ARG D 84 15.24 -29.65 40.31
C ARG D 84 13.81 -29.60 39.71
N TYR D 85 13.77 -29.42 38.41
CA TYR D 85 12.50 -29.47 37.70
C TYR D 85 12.49 -30.59 36.73
N SER D 86 11.39 -31.32 36.69
CA SER D 86 11.30 -32.52 35.90
C SER D 86 10.31 -32.28 34.74
N ALA D 87 10.57 -32.87 33.57
CA ALA D 87 9.68 -32.65 32.41
C ALA D 87 8.30 -33.26 32.64
N THR D 88 7.30 -32.62 32.03
CA THR D 88 5.97 -33.22 31.90
C THR D 88 5.43 -33.25 30.45
N GLN D 89 5.67 -32.19 29.67
CA GLN D 89 5.21 -32.25 28.27
C GLN D 89 5.86 -31.10 27.48
N LEU D 90 5.89 -31.20 26.17
CA LEU D 90 6.24 -30.04 25.34
C LEU D 90 5.09 -29.86 24.35
N HIS D 91 5.00 -28.63 23.81
CA HIS D 91 3.91 -28.29 22.86
C HIS D 91 4.37 -27.09 22.09
N LEU D 92 3.56 -26.65 21.10
CA LEU D 92 3.94 -25.53 20.30
C LEU D 92 2.79 -24.54 20.16
N HIS D 93 3.20 -23.33 19.78
CA HIS D 93 2.25 -22.28 19.39
C HIS D 93 2.63 -21.77 18.03
N TRP D 94 1.64 -21.38 17.23
CA TRP D 94 1.94 -20.84 15.87
C TRP D 94 0.81 -19.94 15.36
N GLY D 95 1.03 -19.39 14.16
CA GLY D 95 0.11 -18.34 13.61
C GLY D 95 -0.78 -19.03 12.60
N ASN D 96 -0.72 -18.49 11.36
CA ASN D 96 -1.62 -19.01 10.31
C ASN D 96 -0.97 -18.71 8.97
N PRO D 97 -1.40 -19.39 7.90
CA PRO D 97 -0.60 -19.27 6.64
C PRO D 97 -0.54 -17.86 6.06
N ASN D 98 -1.56 -17.06 6.29
CA ASN D 98 -1.54 -15.66 5.82
C ASN D 98 -0.62 -14.77 6.69
N ASP D 99 -0.41 -15.15 7.97
CA ASP D 99 0.40 -14.31 8.88
C ASP D 99 1.18 -15.27 9.74
N PRO D 100 2.24 -15.83 9.20
CA PRO D 100 3.02 -16.93 9.82
C PRO D 100 3.99 -16.47 10.93
N HIS D 101 3.38 -15.83 11.93
CA HIS D 101 4.16 -15.13 13.00
C HIS D 101 3.43 -15.33 14.29
N GLY D 102 3.48 -16.54 14.81
CA GLY D 102 2.67 -16.94 15.95
C GLY D 102 3.46 -17.39 17.18
N SER D 103 4.67 -16.90 17.36
CA SER D 103 5.29 -17.13 18.68
C SER D 103 4.53 -16.37 19.76
N GLU D 104 4.69 -16.78 21.01
CA GLU D 104 4.01 -16.09 22.13
C GLU D 104 4.87 -14.95 22.61
N HIS D 105 6.13 -15.19 22.97
CA HIS D 105 7.03 -14.09 23.28
C HIS D 105 7.47 -13.40 22.05
N THR D 106 7.63 -12.09 22.19
CA THR D 106 8.20 -11.25 21.09
C THR D 106 9.51 -10.63 21.55
N VAL D 107 10.38 -10.28 20.60
CA VAL D 107 11.69 -9.72 20.96
C VAL D 107 11.71 -8.37 20.22
N SER D 108 11.80 -7.30 21.01
CA SER D 108 11.74 -5.90 20.48
C SER D 108 10.58 -5.76 19.50
N GLY D 109 9.44 -6.32 19.87
CA GLY D 109 8.17 -6.15 19.22
C GLY D 109 7.93 -7.15 18.15
N GLN D 110 8.96 -7.94 17.86
CA GLN D 110 8.83 -8.88 16.72
C GLN D 110 8.38 -10.27 17.15
N HIS D 111 7.36 -10.79 16.46
CA HIS D 111 6.97 -12.20 16.59
C HIS D 111 7.91 -13.03 15.79
N PHE D 112 8.19 -14.21 16.31
CA PHE D 112 8.78 -15.26 15.53
C PHE D 112 7.72 -16.13 14.90
N ALA D 113 8.11 -17.03 13.98
CA ALA D 113 7.12 -17.87 13.30
C ALA D 113 6.31 -18.72 14.24
N ALA D 114 6.97 -19.32 15.27
CA ALA D 114 6.25 -20.28 16.11
C ALA D 114 7.12 -20.33 17.41
N GLU D 115 6.64 -21.05 18.40
CA GLU D 115 7.38 -21.17 19.65
C GLU D 115 7.14 -22.55 20.25
N LEU D 116 8.24 -23.22 20.66
CA LEU D 116 8.19 -24.46 21.43
C LEU D 116 8.32 -24.20 22.91
N HIS D 117 7.47 -24.83 23.70
CA HIS D 117 7.55 -24.80 25.18
C HIS D 117 7.78 -26.22 25.69
N ILE D 118 8.76 -26.35 26.59
CA ILE D 118 9.08 -27.64 27.24
C ILE D 118 8.72 -27.38 28.70
N VAL D 119 7.66 -28.01 29.15
CA VAL D 119 7.06 -27.70 30.49
C VAL D 119 7.62 -28.71 31.50
N HIS D 120 8.10 -28.18 32.62
CA HIS D 120 8.65 -28.95 33.72
C HIS D 120 7.93 -28.52 34.98
N TYR D 121 7.98 -29.39 35.97
CA TYR D 121 7.38 -29.09 37.27
C TYR D 121 8.49 -29.30 38.37
N ASN D 122 8.24 -28.64 39.49
CA ASN D 122 9.19 -28.68 40.62
C ASN D 122 9.04 -30.01 41.37
N SER D 123 9.88 -30.98 40.98
CA SER D 123 9.78 -32.33 41.56
C SER D 123 10.51 -32.38 42.91
N ASP D 124 11.20 -31.32 43.33
CA ASP D 124 11.71 -31.32 44.73
C ASP D 124 10.57 -31.04 45.69
N LEU D 125 9.62 -30.22 45.22
CA LEU D 125 8.51 -29.76 46.07
C LEU D 125 7.24 -30.53 45.87
N TYR D 126 6.99 -31.04 44.66
CA TYR D 126 5.69 -31.50 44.32
C TYR D 126 5.76 -32.89 43.66
N PRO D 127 4.72 -33.70 43.87
CA PRO D 127 4.75 -35.08 43.35
C PRO D 127 4.55 -35.24 41.86
N ASP D 128 3.90 -34.25 41.25
CA ASP D 128 3.53 -34.38 39.86
C ASP D 128 3.16 -32.97 39.36
N ALA D 129 3.09 -32.85 38.04
CA ALA D 129 2.86 -31.56 37.42
C ALA D 129 1.48 -30.99 37.72
N SER D 130 0.43 -31.87 37.76
CA SER D 130 -0.90 -31.40 38.11
C SER D 130 -0.93 -30.77 39.49
N THR D 131 -0.27 -31.41 40.44
CA THR D 131 -0.18 -30.84 41.78
C THR D 131 0.61 -29.53 41.78
N ALA D 132 1.72 -29.50 41.02
CA ALA D 132 2.61 -28.35 41.05
C ALA D 132 2.06 -27.12 40.36
N SER D 133 1.13 -27.35 39.42
N SER D 133 1.15 -27.32 39.41
CA SER D 133 0.67 -26.32 38.50
CA SER D 133 0.76 -26.27 38.50
C SER D 133 0.16 -25.06 39.14
C SER D 133 0.18 -25.04 39.15
N ASN D 134 -0.59 -25.18 40.24
CA ASN D 134 -1.16 -23.97 40.90
C ASN D 134 -0.51 -23.64 42.20
N LYS D 135 0.70 -24.13 42.34
CA LYS D 135 1.47 -23.94 43.56
C LYS D 135 2.71 -23.09 43.42
N SER D 136 3.07 -22.43 44.50
CA SER D 136 4.32 -21.70 44.51
C SER D 136 5.56 -22.42 43.89
N GLU D 137 6.25 -21.75 42.97
CA GLU D 137 7.42 -22.33 42.36
C GLU D 137 7.13 -23.64 41.60
N GLY D 138 5.90 -23.77 41.10
CA GLY D 138 5.47 -25.10 40.64
C GLY D 138 6.04 -25.48 39.32
N LEU D 139 6.29 -24.48 38.45
CA LEU D 139 6.61 -24.85 37.03
C LEU D 139 7.74 -24.09 36.45
N ALA D 140 8.40 -24.69 35.48
CA ALA D 140 9.50 -23.98 34.76
C ALA D 140 9.32 -24.35 33.29
N VAL D 141 9.28 -23.34 32.42
CA VAL D 141 9.06 -23.70 31.02
C VAL D 141 10.25 -23.18 30.23
N LEU D 142 10.80 -23.99 29.31
CA LEU D 142 11.82 -23.52 28.42
C LEU D 142 11.11 -23.17 27.09
N ALA D 143 11.45 -22.01 26.54
CA ALA D 143 10.81 -21.50 25.31
C ALA D 143 11.88 -21.37 24.27
N VAL D 144 11.65 -21.97 23.11
CA VAL D 144 12.50 -21.86 21.94
C VAL D 144 11.70 -21.13 20.83
N LEU D 145 12.28 -20.04 20.37
CA LEU D 145 11.69 -19.26 19.31
C LEU D 145 12.04 -19.89 18.00
N ILE D 146 11.09 -19.94 17.06
CA ILE D 146 11.30 -20.71 15.79
C ILE D 146 11.12 -19.76 14.67
N GLU D 147 12.05 -19.82 13.72
CA GLU D 147 11.94 -18.90 12.56
C GLU D 147 12.01 -19.74 11.28
N MET D 148 11.52 -19.21 10.16
CA MET D 148 11.65 -19.92 8.88
C MET D 148 13.09 -19.93 8.42
N GLY D 149 13.52 -21.08 7.95
CA GLY D 149 14.86 -21.22 7.40
C GLY D 149 15.07 -22.59 6.89
N SER D 150 16.14 -23.28 7.33
CA SER D 150 16.37 -24.58 6.73
C SER D 150 15.47 -25.66 7.31
N PHE D 151 15.24 -26.71 6.55
CA PHE D 151 14.56 -27.85 7.07
C PHE D 151 15.23 -28.43 8.33
N ASN D 152 14.39 -28.78 9.30
CA ASN D 152 14.86 -29.27 10.57
C ASN D 152 14.41 -30.69 10.84
N PRO D 153 15.31 -31.70 10.59
CA PRO D 153 14.95 -33.08 10.83
C PRO D 153 14.52 -33.38 12.27
N SER D 154 15.06 -32.69 13.27
CA SER D 154 14.67 -32.97 14.62
C SER D 154 13.23 -32.54 14.90
N TYR D 155 12.83 -31.34 14.44
CA TYR D 155 11.43 -30.97 14.63
C TYR D 155 10.51 -31.85 13.82
N ASP D 156 11.05 -32.44 12.74
CA ASP D 156 10.23 -33.35 11.95
C ASP D 156 9.91 -34.66 12.68
N LYS D 157 10.69 -34.99 13.72
CA LYS D 157 10.36 -36.12 14.58
C LYS D 157 9.03 -35.94 15.32
N ILE D 158 8.58 -34.68 15.44
CA ILE D 158 7.28 -34.40 15.95
C ILE D 158 6.37 -34.21 14.75
N PHE D 159 6.78 -33.39 13.78
CA PHE D 159 5.83 -32.96 12.73
C PHE D 159 5.33 -34.13 11.84
N SER D 160 6.19 -35.10 11.63
CA SER D 160 5.84 -36.26 10.77
C SER D 160 4.73 -37.12 11.34
N HIS D 161 4.29 -36.87 12.58
CA HIS D 161 3.17 -37.60 13.20
C HIS D 161 1.85 -36.82 13.25
N LEU D 162 1.88 -35.58 12.75
CA LEU D 162 0.72 -34.71 13.02
C LEU D 162 -0.57 -35.23 12.36
N GLN D 163 -0.45 -35.87 11.19
CA GLN D 163 -1.67 -36.37 10.54
C GLN D 163 -2.40 -37.46 11.30
N HIS D 164 -1.80 -37.97 12.40
CA HIS D 164 -2.50 -38.93 13.25
C HIS D 164 -3.15 -38.36 14.46
N VAL D 165 -3.00 -37.06 14.67
N VAL D 165 -2.96 -37.06 14.62
CA VAL D 165 -3.70 -36.40 15.77
CA VAL D 165 -3.59 -36.36 15.70
C VAL D 165 -4.46 -35.17 15.30
C VAL D 165 -4.28 -35.11 15.20
N LYS D 166 -5.02 -35.24 14.11
CA LYS D 166 -5.62 -34.01 13.48
C LYS D 166 -6.75 -33.42 14.31
N TYR D 167 -7.51 -34.26 15.05
CA TYR D 167 -8.69 -33.78 15.77
C TYR D 167 -8.59 -33.90 17.26
N LYS D 168 -9.34 -33.06 17.96
CA LYS D 168 -9.30 -33.08 19.42
C LYS D 168 -9.50 -34.48 20.01
N GLY D 169 -8.63 -34.84 20.95
CA GLY D 169 -8.78 -36.09 21.63
C GLY D 169 -8.01 -37.19 20.97
N GLN D 170 -7.54 -36.96 19.75
CA GLN D 170 -6.78 -38.01 19.04
C GLN D 170 -5.34 -38.07 19.58
N GLU D 171 -4.78 -39.28 19.67
CA GLU D 171 -3.49 -39.47 20.35
C GLU D 171 -2.68 -40.41 19.46
N ALA D 172 -1.36 -40.25 19.45
CA ALA D 172 -0.48 -41.19 18.77
C ALA D 172 0.79 -41.33 19.55
N PHE D 173 1.39 -42.50 19.53
CA PHE D 173 2.70 -42.65 20.22
C PHE D 173 3.87 -42.28 19.30
N VAL D 174 4.88 -41.59 19.86
CA VAL D 174 6.06 -41.18 19.13
C VAL D 174 7.24 -41.90 19.80
N PRO D 175 8.12 -42.58 19.03
CA PRO D 175 9.31 -43.18 19.71
C PRO D 175 10.18 -42.05 20.30
N GLY D 176 10.80 -42.38 21.43
CA GLY D 176 11.80 -41.48 21.98
C GLY D 176 12.86 -40.99 21.03
N PHE D 177 13.23 -39.70 21.20
CA PHE D 177 14.33 -39.12 20.52
C PHE D 177 14.97 -38.05 21.44
N ASN D 178 16.06 -37.52 20.97
CA ASN D 178 16.82 -36.50 21.77
C ASN D 178 16.18 -35.14 21.73
N ILE D 179 15.46 -34.83 22.79
CA ILE D 179 14.74 -33.53 22.92
C ILE D 179 15.72 -32.40 22.83
N GLU D 180 16.97 -32.62 23.25
CA GLU D 180 17.91 -31.54 23.17
C GLU D 180 18.19 -31.05 21.74
N GLU D 181 17.87 -31.88 20.71
CA GLU D 181 17.98 -31.48 19.28
C GLU D 181 17.02 -30.37 18.89
N LEU D 182 16.04 -30.13 19.79
CA LEU D 182 15.05 -29.07 19.54
C LEU D 182 15.50 -27.75 20.08
N LEU D 183 16.55 -27.80 20.91
CA LEU D 183 17.10 -26.51 21.44
C LEU D 183 18.04 -25.73 20.47
N PRO D 184 18.16 -24.42 20.64
CA PRO D 184 19.04 -23.63 19.82
C PRO D 184 20.47 -23.68 20.26
N GLU D 185 21.27 -22.93 19.46
CA GLU D 185 22.65 -22.62 19.74
C GLU D 185 22.76 -21.81 21.01
N ARG D 186 23.84 -22.05 21.75
CA ARG D 186 24.23 -21.17 22.84
C ARG D 186 23.04 -21.04 23.79
N THR D 187 22.58 -22.22 24.27
CA THR D 187 21.54 -22.17 25.28
C THR D 187 21.94 -21.38 26.56
N ALA D 188 23.25 -21.15 26.76
CA ALA D 188 23.61 -20.37 27.94
C ALA D 188 23.04 -18.93 27.93
N GLU D 189 22.73 -18.41 26.73
CA GLU D 189 22.18 -17.09 26.64
C GLU D 189 20.66 -17.17 26.59
N TYR D 190 20.02 -16.56 27.58
CA TYR D 190 18.56 -16.62 27.65
C TYR D 190 18.06 -15.43 28.45
N TYR D 191 16.77 -15.26 28.35
CA TYR D 191 15.97 -14.34 29.16
C TYR D 191 15.24 -15.13 30.22
N ARG D 192 15.21 -14.57 31.40
CA ARG D 192 14.56 -15.23 32.53
C ARG D 192 13.61 -14.32 33.26
N TYR D 193 12.36 -14.79 33.50
CA TYR D 193 11.46 -13.99 34.33
C TYR D 193 10.41 -14.86 34.97
N ARG D 194 9.74 -14.32 35.96
CA ARG D 194 8.68 -15.00 36.62
C ARG D 194 7.38 -14.62 35.90
N GLY D 195 6.67 -15.66 35.47
CA GLY D 195 5.39 -15.41 34.77
C GLY D 195 4.37 -16.48 35.01
N SER D 196 3.58 -16.77 33.99
CA SER D 196 2.40 -17.61 34.15
C SER D 196 2.27 -18.62 33.04
N LEU D 197 1.33 -19.56 33.20
CA LEU D 197 0.87 -20.34 32.04
C LEU D 197 0.24 -19.30 31.09
N THR D 198 0.49 -19.53 29.82
CA THR D 198 -0.11 -18.66 28.78
C THR D 198 -1.47 -19.14 28.28
N THR D 199 -2.04 -20.18 28.91
CA THR D 199 -3.38 -20.68 28.62
C THR D 199 -4.05 -20.82 29.95
N PRO D 200 -5.38 -20.80 29.94
CA PRO D 200 -6.17 -21.05 31.17
C PRO D 200 -5.60 -22.36 31.79
N PRO D 201 -5.42 -22.41 33.10
CA PRO D 201 -5.96 -21.43 34.03
C PRO D 201 -5.04 -20.25 34.31
N CYS D 202 -3.95 -20.09 33.53
CA CYS D 202 -3.05 -18.93 33.65
C CYS D 202 -2.41 -18.74 34.97
N ASN D 203 -2.13 -19.88 35.66
CA ASN D 203 -1.59 -19.79 37.00
C ASN D 203 -0.24 -19.09 36.95
N PRO D 204 0.01 -18.18 37.92
CA PRO D 204 1.27 -17.35 37.95
C PRO D 204 2.38 -18.05 38.60
N THR D 205 2.72 -19.22 38.09
CA THR D 205 3.60 -20.13 38.81
C THR D 205 4.74 -20.59 37.93
N VAL D 206 5.00 -19.85 36.84
CA VAL D 206 5.99 -20.38 35.85
C VAL D 206 7.26 -19.55 35.91
N LEU D 207 8.37 -20.25 36.03
CA LEU D 207 9.68 -19.65 35.86
C LEU D 207 10.03 -19.85 34.40
N TRP D 208 10.01 -18.78 33.63
CA TRP D 208 10.31 -18.79 32.18
C TRP D 208 11.79 -18.65 31.91
N THR D 209 12.23 -19.42 30.91
CA THR D 209 13.51 -19.26 30.26
C THR D 209 13.30 -19.27 28.80
N VAL D 210 13.52 -18.09 28.20
CA VAL D 210 13.38 -17.99 26.73
C VAL D 210 14.78 -17.90 26.14
N PHE D 211 15.15 -18.86 25.29
CA PHE D 211 16.52 -18.80 24.78
C PHE D 211 16.70 -17.63 23.84
N ARG D 212 17.87 -17.04 23.84
CA ARG D 212 18.13 -15.89 23.03
C ARG D 212 18.08 -16.21 21.55
N ASN D 213 18.58 -17.38 21.16
CA ASN D 213 18.73 -17.70 19.72
C ASN D 213 17.58 -18.56 19.23
N PRO D 214 17.06 -18.27 18.05
CA PRO D 214 15.99 -19.08 17.55
C PRO D 214 16.52 -20.36 16.89
N VAL D 215 15.62 -21.26 16.57
CA VAL D 215 15.94 -22.39 15.73
C VAL D 215 15.20 -22.14 14.40
N GLN D 216 15.57 -22.89 13.35
CA GLN D 216 14.90 -22.75 12.06
C GLN D 216 14.21 -24.02 11.70
N ILE D 217 13.05 -23.88 11.06
CA ILE D 217 12.32 -24.98 10.36
C ILE D 217 11.97 -24.45 8.99
N SER D 218 11.77 -25.35 8.02
CA SER D 218 11.55 -24.85 6.64
C SER D 218 10.15 -24.21 6.50
N GLN D 219 9.98 -23.47 5.43
CA GLN D 219 8.69 -22.93 5.09
C GLN D 219 7.65 -24.08 4.95
N GLU D 220 8.03 -25.20 4.38
CA GLU D 220 7.10 -26.34 4.31
C GLU D 220 6.75 -26.92 5.67
N GLN D 221 7.71 -27.03 6.59
CA GLN D 221 7.39 -27.56 7.85
C GLN D 221 6.44 -26.64 8.62
N LEU D 222 6.69 -25.33 8.52
CA LEU D 222 5.84 -24.33 9.23
C LEU D 222 4.43 -24.42 8.64
N LEU D 223 4.29 -24.40 7.30
CA LEU D 223 2.96 -24.60 6.73
C LEU D 223 2.29 -25.89 7.15
N ALA D 224 3.04 -27.00 7.23
CA ALA D 224 2.50 -28.24 7.65
C ALA D 224 1.92 -28.14 9.09
N LEU D 225 2.70 -27.49 9.97
CA LEU D 225 2.20 -27.32 11.33
C LEU D 225 0.90 -26.48 11.39
N GLU D 226 0.91 -25.41 10.63
CA GLU D 226 -0.22 -24.51 10.56
C GLU D 226 -1.50 -25.09 9.93
N THR D 227 -1.36 -26.17 9.16
CA THR D 227 -2.51 -26.70 8.44
C THR D 227 -2.92 -28.10 8.89
N ALA D 228 -2.16 -28.73 9.76
CA ALA D 228 -2.46 -30.13 10.05
C ALA D 228 -3.64 -30.41 10.97
N LEU D 229 -3.88 -29.48 11.90
CA LEU D 229 -4.70 -29.76 13.09
C LEU D 229 -5.93 -28.94 13.19
N TYR D 230 -6.90 -29.51 13.86
CA TYR D 230 -8.17 -28.83 14.14
C TYR D 230 -8.36 -28.83 15.64
N CYS D 231 -9.07 -27.82 16.17
CA CYS D 231 -9.36 -27.73 17.61
C CYS D 231 -10.50 -28.60 18.02
N THR D 232 -11.24 -29.13 17.05
CA THR D 232 -12.57 -29.76 17.36
C THR D 232 -12.47 -31.26 17.26
N HIS D 233 -13.42 -32.00 17.89
CA HIS D 233 -13.54 -33.45 17.76
C HIS D 233 -13.90 -33.85 16.37
N MET D 234 -13.56 -35.07 16.00
CA MET D 234 -13.94 -35.63 14.69
C MET D 234 -15.47 -35.63 14.42
N ASP D 235 -16.33 -35.46 15.45
CA ASP D 235 -17.76 -35.45 15.20
C ASP D 235 -18.39 -34.06 15.39
N ASP D 236 -17.55 -33.03 15.46
CA ASP D 236 -18.04 -31.67 15.61
C ASP D 236 -18.65 -31.15 14.29
N PRO D 237 -19.92 -30.74 14.37
CA PRO D 237 -20.51 -30.18 13.17
C PRO D 237 -19.95 -28.82 12.74
N SER D 238 -19.12 -28.16 13.58
CA SER D 238 -18.56 -26.85 13.26
C SER D 238 -17.03 -26.85 13.48
N PRO D 239 -16.32 -27.53 12.59
CA PRO D 239 -14.84 -27.69 12.76
C PRO D 239 -14.11 -26.35 12.81
N ARG D 240 -13.05 -26.31 13.63
CA ARG D 240 -12.26 -25.10 13.72
C ARG D 240 -10.82 -25.54 13.56
N GLU D 241 -10.14 -24.97 12.58
CA GLU D 241 -8.67 -25.13 12.39
C GLU D 241 -7.90 -24.61 13.56
N MET D 242 -6.89 -25.41 13.95
CA MET D 242 -5.95 -25.03 15.07
C MET D 242 -4.85 -24.10 14.46
N ILE D 243 -5.14 -22.79 14.56
CA ILE D 243 -4.33 -21.69 14.01
C ILE D 243 -4.41 -20.55 15.01
N ASN D 244 -3.34 -19.79 15.02
CA ASN D 244 -3.21 -18.56 15.91
C ASN D 244 -3.44 -18.94 17.37
N ASN D 245 -2.85 -20.07 17.75
CA ASN D 245 -2.97 -20.56 19.14
C ASN D 245 -1.86 -19.98 19.98
N PHE D 246 -1.75 -18.67 20.00
CA PHE D 246 -0.77 -17.99 20.86
C PHE D 246 -1.54 -16.87 21.57
N ARG D 247 -1.09 -16.54 22.81
CA ARG D 247 -1.75 -15.48 23.54
C ARG D 247 -1.05 -14.15 23.15
N GLN D 248 -1.83 -13.07 23.07
CA GLN D 248 -1.19 -11.74 22.90
C GLN D 248 -0.21 -11.40 24.07
N VAL D 249 0.82 -10.61 23.83
CA VAL D 249 1.71 -10.20 24.92
C VAL D 249 0.98 -9.37 25.99
N GLN D 250 1.42 -9.53 27.22
CA GLN D 250 0.79 -8.89 28.40
C GLN D 250 1.57 -7.63 28.82
N LYS D 251 0.88 -6.71 29.48
CA LYS D 251 1.55 -5.65 30.23
C LYS D 251 2.60 -6.21 31.15
N PHE D 252 3.70 -5.46 31.28
CA PHE D 252 4.81 -5.90 32.14
C PHE D 252 5.45 -4.63 32.59
N ASP D 253 4.95 -4.19 33.73
CA ASP D 253 5.18 -2.88 34.40
C ASP D 253 5.65 -3.14 35.81
N GLU D 254 6.60 -2.31 36.29
CA GLU D 254 7.15 -2.41 37.67
C GLU D 254 8.18 -3.50 37.75
N ARG D 255 8.63 -4.00 36.61
CA ARG D 255 9.15 -5.39 36.59
C ARG D 255 10.16 -5.64 35.51
N LEU D 256 10.97 -6.67 35.76
CA LEU D 256 12.16 -6.94 35.06
C LEU D 256 12.30 -8.45 34.54
N VAL D 257 12.88 -8.46 33.39
CA VAL D 257 13.36 -9.71 32.78
C VAL D 257 14.90 -9.70 32.92
N TYR D 258 15.45 -10.83 33.36
CA TYR D 258 16.90 -10.89 33.59
C TYR D 258 17.56 -11.60 32.46
N THR D 259 18.70 -11.12 31.94
CA THR D 259 19.36 -11.80 30.82
C THR D 259 20.66 -12.40 31.34
N SER D 260 21.05 -13.52 30.72
CA SER D 260 22.28 -14.20 31.18
C SER D 260 23.38 -13.73 30.29
N PHE D 261 23.06 -12.74 29.44
CA PHE D 261 24.04 -12.12 28.53
C PHE D 261 24.00 -10.61 28.66
N SER D 262 25.17 -9.99 28.53
CA SER D 262 25.27 -8.53 28.65
C SER D 262 25.43 -7.88 27.27
N GLN D 263 25.53 -8.72 26.25
CA GLN D 263 25.70 -8.23 24.88
C GLN D 263 25.48 -9.34 23.86
ZN ZN E . -6.04 22.36 -24.11
F27 WWO F . -11.33 22.67 -25.04
F27 WWO F . -11.40 22.78 -24.94
C5 WWO F . -10.79 22.79 -23.79
C5 WWO F . -10.90 22.88 -23.74
C4 WWO F . -9.52 22.24 -23.56
C4 WWO F . -9.68 22.31 -23.53
S7 WWO F . -8.64 21.42 -24.89
S7 WWO F . -8.83 21.45 -24.89
O9 WWO F . -8.30 22.32 -26.08
O9 WWO F . -8.52 22.31 -26.00
N10 WWO F . -7.13 20.63 -24.48
N10 WWO F . -7.49 20.77 -24.10
O8 WWO F . -9.49 20.32 -25.57
O8 WWO F . -9.42 20.27 -25.50
C3 WWO F . -8.95 22.35 -22.29
C3 WWO F . -9.06 22.44 -22.28
F12 WWO F . -7.72 21.84 -22.03
F12 WWO F . -7.85 21.94 -22.05
C2 WWO F . -9.64 23.00 -21.25
C2 WWO F . -9.62 23.10 -21.24
F13 WWO F . -9.06 23.09 -20.03
F13 WWO F . -9.00 23.25 -20.04
C6 WWO F . -11.50 23.44 -22.76
C6 WWO F . -11.48 23.57 -22.69
C1 WWO F . -10.91 23.55 -21.49
C1 WWO F . -10.86 23.65 -21.45
S11 WWO F . -11.77 24.37 -20.13
S11 WWO F . -11.51 24.49 -20.04
O22 WWO F . -12.96 25.12 -20.75
O22 WWO F . -11.78 23.53 -18.84
O23 WWO F . -10.93 25.58 -19.69
O23 WWO F . -12.89 24.80 -20.51
C21 WWO F . -12.43 23.57 -18.63
C21 WWO F . -10.78 25.99 -19.39
C24 WWO F . -12.28 22.07 -18.73
C24 WWO F . -9.51 26.22 -20.11
O25 WWO F . -13.00 21.60 -19.83
O25 WWO F . -8.60 25.61 -19.32
N26 WWO F . -12.80 24.00 -22.97
N26 WWO F . -12.75 24.10 -22.92
C14 WWO F . -13.43 24.08 -24.27
C14 WWO F . -13.35 23.97 -24.20
C15 WWO F . -14.84 24.56 -24.16
C15 WWO F . -14.75 24.45 -24.16
C20 WWO F . -15.87 23.63 -23.93
C20 WWO F . -15.77 23.55 -23.96
C19 WWO F . -17.19 24.07 -23.83
C19 WWO F . -17.08 24.03 -23.92
C18 WWO F . -17.48 25.43 -23.93
C18 WWO F . -17.38 25.36 -24.02
C17 WWO F . -16.46 26.36 -24.15
C17 WWO F . -16.37 26.27 -24.23
C16 WWO F . -15.13 25.92 -24.26
C16 WWO F . -15.06 25.79 -24.29
C1 EDO G . -9.77 22.42 -44.84
O1 EDO G . -8.91 22.10 -45.96
C2 EDO G . -9.06 23.50 -44.06
O2 EDO G . -8.20 22.88 -43.10
ZN ZN H . 3.27 -7.65 -19.02
F27 WWO I . 2.25 -9.42 -14.08
C5 WWO I . 1.32 -9.55 -15.04
C4 WWO I . 1.37 -8.62 -16.06
S7 WWO I . 2.68 -7.36 -16.07
O9 WWO I . 3.92 -8.16 -15.95
N10 WWO I . 2.55 -6.72 -17.68
O8 WWO I . 2.39 -6.32 -14.99
C3 WWO I . 0.42 -8.78 -17.07
F12 WWO I . 0.40 -7.98 -18.16
C2 WWO I . -0.52 -9.76 -17.07
F13 WWO I . -1.39 -9.79 -18.13
C6 WWO I . 0.38 -10.56 -14.98
C1 WWO I . -0.58 -10.66 -16.03
S11 WWO I . -1.88 -11.91 -16.13
O22 WWO I . -3.25 -11.29 -16.52
O23 WWO I . -2.08 -12.41 -14.69
C21 WWO I . -1.56 -13.32 -17.22
C24 WWO I . -1.24 -12.73 -18.58
O25 WWO I . 0.12 -12.69 -18.90
N26 WWO I . 0.42 -11.43 -13.86
C14 WWO I . 1.06 -11.13 -12.57
C15 WWO I . 0.47 -12.19 -11.72
C20 WWO I . -0.66 -11.90 -10.96
C19 WWO I . -1.26 -12.92 -10.18
C18 WWO I . -0.72 -14.21 -10.21
C17 WWO I . 0.40 -14.51 -11.01
C16 WWO I . 1.00 -13.50 -11.79
C1 EDO J . 2.45 -20.94 -11.03
O1 EDO J . 3.41 -19.98 -10.48
C2 EDO J . 2.40 -20.75 -12.56
O2 EDO J . 3.55 -21.25 -13.18
C1 EDO K . 6.38 -18.16 -36.31
O1 EDO K . 7.44 -17.22 -36.12
C2 EDO K . 6.86 -19.39 -37.12
O2 EDO K . 7.23 -20.42 -36.21
ZN ZN L . -8.26 6.65 22.63
F27 WWO M . -13.62 6.86 22.02
C5 WWO M . -13.07 6.91 23.23
C4 WWO M . -11.80 6.31 23.35
S7 WWO M . -10.98 5.52 21.90
O9 WWO M . -10.91 6.59 20.87
N10 WWO M . -9.46 5.23 22.56
O8 WWO M . -11.46 4.25 21.29
C3 WWO M . -11.22 6.33 24.64
F12 WWO M . -9.99 5.82 24.90
C2 WWO M . -11.82 6.91 25.74
F13 WWO M . -11.08 6.88 26.92
C6 WWO M . -13.73 7.49 24.32
C1 WWO M . -13.09 7.52 25.61
S11 WWO M . -13.71 8.13 27.19
O22 WWO M . -14.72 9.30 27.01
O23 WWO M . -12.59 8.79 28.02
C21 WWO M . -14.52 7.01 28.36
C24 WWO M . -14.39 5.58 27.86
O25 WWO M . -15.27 5.27 26.81
N26 WWO M . -15.02 8.02 24.02
C14 WWO M . -15.75 7.64 22.81
C15 WWO M . -17.06 8.22 23.09
C20 WWO M . -18.12 7.41 23.53
C19 WWO M . -19.33 8.00 23.83
C18 WWO M . -19.50 9.40 23.73
C17 WWO M . -18.44 10.22 23.31
C16 WWO M . -17.20 9.62 22.99
C1 EDO N . 4.20 20.91 29.54
O1 EDO N . 4.88 20.51 28.30
C2 EDO N . 4.54 22.35 29.98
O2 EDO N . 3.82 23.37 29.26
ZN ZN O . 2.93 -22.92 25.64
F27 WWO P . 2.19 -25.06 30.51
C5 WWO P . 1.21 -25.17 29.58
C4 WWO P . 1.16 -24.18 28.60
S7 WWO P . 2.40 -22.87 28.60
O9 WWO P . 3.70 -23.59 28.62
N10 WWO P . 2.16 -22.17 27.07
O8 WWO P . 2.16 -21.88 29.74
C3 WWO P . 0.19 -24.25 27.62
F12 WWO P . 0.17 -23.30 26.63
C2 WWO P . -0.71 -25.28 27.62
F13 WWO P . -1.63 -25.25 26.66
C6 WWO P . 0.28 -26.24 29.62
C1 WWO P . -0.72 -26.31 28.61
S11 WWO P . -2.13 -27.49 28.39
O22 WWO P . -1.81 -28.94 28.80
O23 WWO P . -2.29 -27.80 26.90
C21 WWO P . -3.79 -27.00 29.04
C24 WWO P . -3.89 -25.51 29.38
O25 WWO P . -3.31 -24.94 30.57
N26 WWO P . 0.43 -27.12 30.72
C14 WWO P . 0.93 -26.73 32.05
C15 WWO P . 0.59 -27.90 32.87
C20 WWO P . -0.51 -27.85 33.75
C19 WWO P . -0.89 -28.97 34.50
C18 WWO P . -0.13 -30.13 34.38
C17 WWO P . 0.95 -30.20 33.49
C16 WWO P . 1.32 -29.10 32.69
C1 EDO Q . 5.82 -32.35 8.08
O1 EDO Q . 6.92 -31.46 7.92
C2 EDO Q . 5.97 -33.58 7.19
O2 EDO Q . 6.72 -34.60 7.80
C1 EDO R . 15.96 -17.48 37.83
O1 EDO R . 17.08 -18.23 38.19
C2 EDO R . 15.33 -16.54 38.84
O2 EDO R . 14.72 -17.30 39.85
C1 EDO S . 2.11 -36.31 5.89
O1 EDO S . 3.07 -36.18 6.96
C2 EDO S . 1.69 -34.91 5.44
O2 EDO S . 2.41 -33.92 6.19
#